data_9B18
#
_entry.id   9B18
#
_cell.length_a   1.00
_cell.length_b   1.00
_cell.length_c   1.00
_cell.angle_alpha   90.00
_cell.angle_beta   90.00
_cell.angle_gamma   90.00
#
_symmetry.space_group_name_H-M   'P 1'
#
loop_
_entity.id
_entity.type
_entity.pdbx_description
1 polymer 'Capsid protein VP1'
2 polymer 'viral protein 3'
3 polymer 'viral protein 2'
4 polymer 'Capsid protein VP4'
5 non-polymer (4M)-4-[1-(2-methoxyethyl)-1H-pyrazol-4-yl]-N-({4-[(propan-2-yl)oxy]phenyl}methyl)quinolin-8-amine
#
loop_
_entity_poly.entity_id
_entity_poly.type
_entity_poly.pdbx_seq_one_letter_code
_entity_poly.pdbx_strand_id
1 'polypeptide(L)'
;LDHLHAAEAAYQIESIIKTATDTVKSEINAELGVVPSLNAVETGATSNTEPEEAIQTRTVINQHGVSETLVENFLSRAAL
VSKRSFEYKDHTSSTARADKNFFKWTINTRSFVQLRRKLELFTYLRFDAEITILTTVAVNGSGNNTYVGLPDLTLQAMFV
PTGALTPEKQDSFHWQSGSNASVFFKISDPPARITIPFMCINSAYSVFYDGFAGFEKNGLYGINPADTIGNLCVRIVNEH
QPVGFTVTVRVYMKPKHIKAWAPRPPRTLPYMSIANANYKGKERAPNALSAIIGNRDSVKTMPHNIVNT
;
A
2 'polypeptide(L)'
;GVPTYLLPGSGQFLTTDDHSSAPALPCFNPTPEMHIPGQVRNMLEVVQVESMMEINNTESAVGMERLKVDISALTDVDQL
LFNIPLDIQLDGPLRNTLVGNISRYYTHWSGSLEMTFMFCGSFMAAGKLILCYTPPGGSCPTTRETAMLGTHIVWDFGLQ
SSVTLIIPWISGSHYRMFNNDAKSTNANVGYVTCFMQTNLIVPSESSDTCSLIGFIAAKDDFSLRLMRDSPDIGQLDHLH
AAEAAYQ
;
B
3 'polypeptide(L)'
;SPSAEACGYSDRVLQLKLGNSAIVTQEAANYCCAYGEWPNYLPDHEAVAIDKPTQPETATDRFYTLKSVKWETGSTGWWW
KLPDALNNIGMFGQNVQHHYLYRSGFLIHVQCNATKFHQGALLVVAIPEHQRGAHNTNTSPGFDDIMKGEEGGTFNHPYV
LDDGTSLACATIFPHQWINLRTNNSATIVLPWMNAAPMDFPLRHNQWTLAIIPVVPLGTRTTSSMVPITVSIAPMCCEFN
GLRHAITQ
;
C
4 'polypeptide(L)' MGAQVTRQQTGTHENANIATNGSHITYNQINFYKDSYAASASKQDFSQDPSKFTEPVVEGLKAGAPVLK D
#
# COMPACT_ATOMS: atom_id res chain seq x y z
N ILE A 13 14.00 -8.63 13.46
CA ILE A 13 13.77 -9.89 14.16
C ILE A 13 12.35 -9.90 14.74
N GLU A 14 11.68 -11.03 14.54
CA GLU A 14 10.31 -11.19 14.99
C GLU A 14 10.25 -11.19 16.52
N SER A 15 9.29 -10.45 17.07
CA SER A 15 9.03 -10.46 18.50
C SER A 15 7.54 -10.24 18.74
N ILE A 16 7.11 -10.63 19.93
CA ILE A 16 5.71 -10.52 20.33
C ILE A 16 5.51 -9.16 20.99
N ILE A 17 4.62 -8.35 20.42
CA ILE A 17 4.38 -6.99 20.86
C ILE A 17 2.92 -6.84 21.28
N LYS A 18 2.69 -6.71 22.58
CA LYS A 18 1.34 -6.49 23.08
C LYS A 18 1.04 -5.04 23.43
N THR A 19 2.06 -4.25 23.76
CA THR A 19 1.88 -2.86 24.15
C THR A 19 2.93 -1.99 23.48
N ALA A 20 2.65 -0.70 23.43
CA ALA A 20 3.63 0.28 22.97
C ALA A 20 4.84 0.33 23.90
N THR A 21 6.00 0.71 23.34
CA THR A 21 7.25 0.66 24.06
C THR A 21 7.34 1.73 25.15
N ASP A 22 8.04 1.36 26.22
CA ASP A 22 8.44 2.27 27.28
C ASP A 22 9.49 3.27 26.81
N THR A 23 9.52 4.41 27.50
CA THR A 23 10.58 5.41 27.36
C THR A 23 11.48 5.39 28.59
N VAL A 24 12.80 5.35 28.38
CA VAL A 24 13.80 5.45 29.43
C VAL A 24 14.24 6.90 29.61
N LYS A 25 14.57 7.29 30.84
CA LYS A 25 15.12 8.62 31.07
C LYS A 25 16.49 8.74 30.38
N SER A 26 16.81 9.96 29.96
CA SER A 26 18.07 10.22 29.27
C SER A 26 18.73 11.49 29.79
N GLU A 27 20.05 11.50 29.71
CA GLU A 27 20.91 12.58 30.16
C GLU A 27 21.35 13.46 28.99
N ILE A 28 22.15 14.47 29.31
CA ILE A 28 22.93 15.24 28.35
C ILE A 28 24.01 14.39 27.66
N ASN A 29 24.22 14.63 26.35
CA ASN A 29 25.18 13.81 25.59
C ASN A 29 26.58 14.38 25.31
N ALA A 30 26.75 15.23 24.30
CA ALA A 30 28.07 15.78 23.91
C ALA A 30 29.18 14.75 23.66
N GLU A 31 28.88 13.70 22.91
CA GLU A 31 29.88 12.68 22.56
C GLU A 31 30.40 12.91 21.15
N LEU A 32 31.72 13.03 20.99
CA LEU A 32 32.31 13.12 19.67
C LEU A 32 32.16 11.82 18.90
N GLY A 33 31.88 11.95 17.60
CA GLY A 33 31.72 10.81 16.71
C GLY A 33 30.38 10.11 16.77
N VAL A 34 29.44 10.58 17.58
CA VAL A 34 28.13 9.96 17.73
C VAL A 34 27.05 10.96 17.34
N VAL A 35 26.27 10.65 16.31
CA VAL A 35 25.32 11.60 15.74
C VAL A 35 23.99 10.92 15.45
N PRO A 36 23.25 10.49 16.48
CA PRO A 36 22.06 9.66 16.25
C PRO A 36 20.91 10.36 15.50
N SER A 37 20.86 11.69 15.47
CA SER A 37 19.87 12.42 14.67
C SER A 37 20.23 12.55 13.20
N LEU A 38 21.44 12.23 12.78
CA LEU A 38 21.76 12.17 11.36
C LEU A 38 21.43 10.79 10.80
N ASN A 39 20.95 10.78 9.55
CA ASN A 39 20.45 9.57 8.90
C ASN A 39 20.82 9.62 7.42
N ALA A 40 20.63 8.50 6.74
CA ALA A 40 20.82 8.39 5.29
C ALA A 40 19.59 7.74 4.64
N VAL A 41 18.67 8.60 4.20
CA VAL A 41 17.45 8.18 3.51
C VAL A 41 17.72 7.38 2.24
N GLU A 42 18.85 7.65 1.55
CA GLU A 42 19.19 6.94 0.31
C GLU A 42 19.29 5.43 0.47
N THR A 43 19.69 4.93 1.66
CA THR A 43 19.74 3.48 1.87
C THR A 43 18.38 2.81 1.73
N GLY A 44 17.29 3.57 1.88
CA GLY A 44 15.96 3.02 1.96
C GLY A 44 15.49 2.61 3.34
N ALA A 45 16.37 2.61 4.34
CA ALA A 45 15.96 2.40 5.71
C ALA A 45 15.26 3.64 6.27
N THR A 46 14.29 3.42 7.14
CA THR A 46 13.68 4.48 7.92
C THR A 46 14.61 4.87 9.07
N SER A 47 14.56 6.16 9.42
CA SER A 47 15.29 6.73 10.54
C SER A 47 15.19 5.88 11.82
N ASN A 48 16.33 5.62 12.43
CA ASN A 48 16.42 4.90 13.69
C ASN A 48 16.63 5.80 14.91
N THR A 49 16.53 7.11 14.76
CA THR A 49 16.68 8.04 15.89
C THR A 49 15.65 7.78 16.99
N GLU A 50 16.10 7.52 18.13
CA GLU A 50 15.15 7.38 19.23
C GLU A 50 14.87 8.71 19.91
N PRO A 51 13.68 8.84 20.49
CA PRO A 51 13.38 10.03 21.32
C PRO A 51 14.40 10.32 22.42
N GLU A 52 14.87 9.30 23.14
CA GLU A 52 15.90 9.47 24.16
C GLU A 52 17.18 10.09 23.60
N GLU A 53 17.45 9.93 22.32
CA GLU A 53 18.63 10.48 21.69
C GLU A 53 18.42 11.90 21.20
N ALA A 54 17.19 12.25 20.83
CA ALA A 54 16.87 13.59 20.35
C ALA A 54 16.70 14.61 21.46
N ILE A 55 16.16 14.22 22.61
CA ILE A 55 15.85 15.11 23.72
C ILE A 55 16.17 14.39 25.03
N GLN A 56 16.24 15.16 26.11
CA GLN A 56 16.15 14.58 27.45
C GLN A 56 14.72 14.10 27.74
N THR A 57 14.58 12.83 28.08
CA THR A 57 13.32 12.18 28.37
C THR A 57 13.20 11.84 29.85
N ARG A 58 11.98 11.63 30.31
CA ARG A 58 11.70 10.95 31.55
C ARG A 58 11.50 9.43 31.31
N THR A 59 11.41 8.67 32.40
CA THR A 59 10.89 7.32 32.36
C THR A 59 9.36 7.29 32.29
N VAL A 60 8.82 6.59 31.30
CA VAL A 60 7.39 6.33 31.16
C VAL A 60 7.18 4.84 30.99
N ILE A 61 6.36 4.25 31.85
CA ILE A 61 5.94 2.87 31.70
C ILE A 61 4.65 2.86 30.89
N ASN A 62 4.70 2.30 29.69
CA ASN A 62 3.65 2.49 28.69
C ASN A 62 2.74 1.26 28.66
N GLN A 63 1.46 1.46 28.97
CA GLN A 63 0.48 0.39 29.09
C GLN A 63 -0.50 0.29 27.93
N HIS A 64 -0.39 1.15 26.92
CA HIS A 64 -1.30 1.15 25.78
C HIS A 64 -1.20 -0.12 24.94
N GLY A 65 -2.31 -0.84 24.82
CA GLY A 65 -2.37 -2.00 23.97
C GLY A 65 -2.35 -1.67 22.49
N VAL A 66 -1.94 -2.64 21.69
CA VAL A 66 -1.84 -2.55 20.24
C VAL A 66 -2.78 -3.52 19.52
N SER A 67 -3.73 -4.12 20.22
CA SER A 67 -4.56 -5.16 19.62
C SER A 67 -5.53 -4.62 18.58
N GLU A 68 -5.94 -3.37 18.69
CA GLU A 68 -6.91 -2.88 17.72
C GLU A 68 -6.33 -2.62 16.33
N THR A 69 -5.01 -2.52 16.19
CA THR A 69 -4.41 -2.47 14.86
C THR A 69 -3.91 -3.81 14.35
N LEU A 70 -4.17 -4.91 15.05
CA LEU A 70 -3.95 -6.22 14.44
C LEU A 70 -4.69 -6.34 13.12
N VAL A 71 -4.01 -6.95 12.14
CA VAL A 71 -4.59 -7.12 10.81
C VAL A 71 -5.91 -7.88 10.86
N GLU A 72 -6.00 -8.89 11.73
CA GLU A 72 -7.28 -9.58 11.93
C GLU A 72 -8.38 -8.61 12.33
N ASN A 73 -8.13 -7.78 13.34
CA ASN A 73 -9.15 -6.83 13.78
C ASN A 73 -9.42 -5.74 12.75
N PHE A 74 -8.38 -5.25 12.09
CA PHE A 74 -8.53 -4.21 11.06
C PHE A 74 -9.43 -4.66 9.91
N LEU A 75 -9.28 -5.90 9.44
CA LEU A 75 -10.07 -6.36 8.30
C LEU A 75 -11.32 -7.15 8.65
N SER A 76 -11.38 -7.89 9.76
CA SER A 76 -12.53 -8.76 10.05
C SER A 76 -13.71 -7.98 10.64
N ARG A 77 -14.32 -7.20 9.78
CA ARG A 77 -15.54 -6.44 10.01
C ARG A 77 -16.45 -6.70 8.83
N ALA A 78 -17.73 -6.97 9.07
CA ALA A 78 -18.64 -7.27 7.97
C ALA A 78 -18.97 -6.03 7.15
N ALA A 79 -18.78 -6.10 5.83
CA ALA A 79 -19.00 -4.98 4.93
C ALA A 79 -19.83 -5.39 3.73
N LEU A 80 -20.64 -4.45 3.24
CA LEU A 80 -21.50 -4.67 2.08
C LEU A 80 -20.69 -4.95 0.82
N VAL A 81 -20.95 -6.10 0.19
CA VAL A 81 -20.32 -6.45 -1.07
C VAL A 81 -21.29 -6.45 -2.24
N SER A 82 -22.58 -6.67 -2.00
CA SER A 82 -23.53 -6.75 -3.09
C SER A 82 -24.89 -6.22 -2.62
N LYS A 83 -25.56 -5.49 -3.48
CA LYS A 83 -26.91 -4.99 -3.19
C LYS A 83 -27.72 -5.02 -4.47
N ARG A 84 -28.80 -5.80 -4.48
CA ARG A 84 -29.66 -5.92 -5.64
C ARG A 84 -31.13 -5.81 -5.25
N SER A 85 -31.88 -4.97 -5.96
CA SER A 85 -33.33 -4.88 -5.87
C SER A 85 -33.97 -5.45 -7.12
N PHE A 86 -35.05 -6.22 -6.94
CA PHE A 86 -35.80 -6.75 -8.06
C PHE A 86 -37.28 -6.82 -7.71
N GLU A 87 -38.12 -6.78 -8.74
CA GLU A 87 -39.57 -6.89 -8.58
C GLU A 87 -39.99 -8.34 -8.37
N TYR A 88 -40.67 -8.59 -7.26
CA TYR A 88 -41.41 -9.82 -7.02
C TYR A 88 -42.85 -9.64 -7.48
N LYS A 89 -43.14 -10.13 -8.68
CA LYS A 89 -44.44 -9.96 -9.32
C LYS A 89 -44.61 -11.01 -10.40
N ASP A 90 -45.82 -11.10 -10.95
CA ASP A 90 -46.05 -11.80 -12.21
C ASP A 90 -45.30 -11.10 -13.32
N HIS A 91 -44.33 -11.80 -13.92
CA HIS A 91 -43.42 -11.23 -14.90
C HIS A 91 -43.77 -11.55 -16.36
N THR A 92 -44.91 -12.18 -16.63
CA THR A 92 -45.21 -12.67 -17.99
C THR A 92 -45.08 -11.61 -19.07
N SER A 93 -45.37 -10.35 -18.76
CA SER A 93 -45.23 -9.29 -19.75
C SER A 93 -43.93 -8.51 -19.68
N SER A 94 -43.08 -8.75 -18.69
CA SER A 94 -41.87 -7.93 -18.54
C SER A 94 -40.80 -8.31 -19.56
N THR A 95 -39.96 -7.33 -19.90
CA THR A 95 -38.96 -7.45 -20.96
C THR A 95 -37.66 -8.12 -20.52
N ALA A 98 -35.07 -7.59 -17.31
CA ALA A 98 -35.56 -7.53 -15.94
C ALA A 98 -35.18 -8.77 -15.17
N ASP A 99 -34.99 -8.62 -13.86
CA ASP A 99 -34.79 -9.74 -12.93
C ASP A 99 -36.15 -10.33 -12.56
N LYS A 100 -36.48 -11.46 -13.19
CA LYS A 100 -37.82 -12.05 -13.09
C LYS A 100 -37.90 -12.98 -11.88
N ASN A 101 -38.03 -12.38 -10.70
CA ASN A 101 -38.08 -13.03 -9.39
C ASN A 101 -36.78 -13.70 -8.99
N PHE A 102 -35.70 -13.51 -9.73
CA PHE A 102 -34.39 -14.01 -9.33
C PHE A 102 -33.35 -13.10 -9.95
N PHE A 103 -32.14 -13.15 -9.40
CA PHE A 103 -31.00 -12.53 -10.04
C PHE A 103 -29.78 -13.43 -9.92
N LYS A 104 -28.82 -13.17 -10.80
CA LYS A 104 -27.49 -13.75 -10.79
C LYS A 104 -26.49 -12.65 -10.48
N TRP A 105 -25.52 -12.93 -9.60
CA TRP A 105 -24.44 -11.99 -9.36
C TRP A 105 -23.07 -12.66 -9.51
N THR A 106 -22.21 -12.06 -10.33
CA THR A 106 -20.82 -12.48 -10.44
C THR A 106 -20.01 -11.93 -9.28
N ILE A 107 -19.55 -12.81 -8.39
CA ILE A 107 -19.01 -12.45 -7.09
C ILE A 107 -17.71 -11.64 -7.25
N ASN A 108 -17.64 -10.49 -6.57
CA ASN A 108 -16.45 -9.66 -6.56
C ASN A 108 -16.39 -8.82 -5.29
N THR A 109 -15.18 -8.35 -4.96
CA THR A 109 -14.93 -7.47 -3.81
C THR A 109 -14.74 -6.00 -4.19
N ARG A 110 -15.02 -5.59 -5.42
CA ARG A 110 -14.55 -4.29 -5.91
C ARG A 110 -15.65 -3.23 -6.03
N SER A 111 -16.91 -3.56 -5.77
CA SER A 111 -18.00 -2.64 -6.08
C SER A 111 -18.25 -1.55 -5.02
N PHE A 112 -17.94 -1.79 -3.76
CA PHE A 112 -18.17 -0.80 -2.72
C PHE A 112 -16.84 -0.32 -2.16
N VAL A 113 -16.61 0.99 -2.23
CA VAL A 113 -15.25 1.53 -2.13
C VAL A 113 -14.66 1.39 -0.72
N GLN A 114 -15.47 1.41 0.33
CA GLN A 114 -14.92 1.33 1.68
C GLN A 114 -14.24 -0.01 1.93
N LEU A 115 -14.91 -1.10 1.58
CA LEU A 115 -14.26 -2.41 1.64
C LEU A 115 -13.11 -2.54 0.64
N ARG A 116 -13.31 -2.08 -0.60
CA ARG A 116 -12.27 -2.17 -1.61
C ARG A 116 -10.96 -1.50 -1.19
N ARG A 117 -11.02 -0.27 -0.67
CA ARG A 117 -9.80 0.45 -0.27
C ARG A 117 -9.03 -0.25 0.86
N LYS A 118 -9.73 -0.78 1.87
CA LYS A 118 -9.04 -1.51 2.94
C LYS A 118 -8.33 -2.75 2.41
N LEU A 119 -9.00 -3.55 1.57
CA LEU A 119 -8.37 -4.74 1.01
C LEU A 119 -7.17 -4.39 0.14
N GLU A 120 -7.28 -3.33 -0.63
CA GLU A 120 -6.20 -2.88 -1.50
C GLU A 120 -5.04 -2.24 -0.78
N LEU A 121 -5.04 -2.19 0.55
CA LEU A 121 -3.82 -1.88 1.29
C LEU A 121 -2.78 -3.00 1.23
N PHE A 122 -3.14 -4.18 0.73
CA PHE A 122 -2.28 -5.34 0.72
C PHE A 122 -2.17 -5.90 -0.69
N THR A 123 -1.08 -6.60 -0.96
CA THR A 123 -0.89 -7.28 -2.24
C THR A 123 -1.48 -8.68 -2.23
N TYR A 124 -1.26 -9.45 -1.17
CA TYR A 124 -1.80 -10.78 -1.05
C TYR A 124 -2.58 -10.93 0.24
N LEU A 125 -3.71 -11.62 0.15
CA LEU A 125 -4.57 -11.93 1.27
C LEU A 125 -5.00 -13.39 1.20
N ARG A 126 -4.98 -14.07 2.34
CA ARG A 126 -5.62 -15.37 2.50
C ARG A 126 -6.67 -15.25 3.59
N PHE A 127 -7.92 -15.54 3.27
CA PHE A 127 -8.96 -15.49 4.29
C PHE A 127 -10.13 -16.38 3.92
N ASP A 128 -10.83 -16.85 4.95
CA ASP A 128 -12.19 -17.37 4.83
C ASP A 128 -13.19 -16.21 4.91
N ALA A 129 -14.30 -16.36 4.20
CA ALA A 129 -15.32 -15.30 4.08
C ALA A 129 -16.60 -15.68 4.82
N GLU A 130 -16.91 -14.96 5.91
CA GLU A 130 -18.22 -15.05 6.56
C GLU A 130 -19.24 -14.18 5.83
N ILE A 131 -20.29 -14.82 5.30
CA ILE A 131 -21.31 -14.16 4.48
C ILE A 131 -22.61 -14.02 5.27
N THR A 132 -23.13 -12.80 5.34
CA THR A 132 -24.44 -12.51 5.91
C THR A 132 -25.33 -11.93 4.83
N ILE A 133 -26.52 -12.51 4.68
CA ILE A 133 -27.49 -12.11 3.65
C ILE A 133 -28.72 -11.49 4.32
N LEU A 134 -28.94 -10.21 4.08
CA LEU A 134 -30.01 -9.43 4.67
C LEU A 134 -31.05 -9.11 3.60
N THR A 135 -32.32 -9.39 3.87
CA THR A 135 -33.38 -9.18 2.90
C THR A 135 -34.43 -8.22 3.44
N THR A 136 -34.92 -7.35 2.57
CA THR A 136 -35.97 -6.41 2.93
C THR A 136 -36.95 -6.32 1.78
N VAL A 137 -38.20 -6.02 2.11
CA VAL A 137 -39.28 -6.01 1.13
C VAL A 137 -40.15 -4.76 1.32
N ALA A 138 -40.61 -4.20 0.22
CA ALA A 138 -41.56 -3.09 0.21
C ALA A 138 -42.65 -3.34 -0.82
N VAL A 139 -43.86 -2.88 -0.52
CA VAL A 139 -44.96 -2.92 -1.47
C VAL A 139 -44.76 -1.89 -2.56
N ASN A 140 -45.04 -2.29 -3.80
CA ASN A 140 -45.02 -1.36 -4.91
C ASN A 140 -46.19 -0.39 -4.83
N GLY A 141 -45.93 0.86 -5.18
CA GLY A 141 -46.97 1.87 -5.21
C GLY A 141 -47.94 1.71 -6.36
N TYR A 147 -50.81 -0.07 -0.07
CA TYR A 147 -50.16 -0.93 0.93
C TYR A 147 -51.09 -2.02 1.44
N VAL A 148 -50.54 -3.21 1.63
CA VAL A 148 -51.31 -4.40 1.93
C VAL A 148 -50.75 -5.23 3.07
N GLY A 149 -49.64 -4.81 3.67
CA GLY A 149 -48.84 -5.68 4.49
C GLY A 149 -47.70 -6.34 3.72
N LEU A 150 -46.73 -6.83 4.46
CA LEU A 150 -45.53 -7.40 3.85
C LEU A 150 -45.52 -8.91 3.96
N PRO A 151 -45.29 -9.63 2.86
CA PRO A 151 -45.28 -11.09 2.89
C PRO A 151 -43.99 -11.66 3.49
N ASP A 152 -44.13 -12.74 4.25
CA ASP A 152 -43.00 -13.49 4.79
C ASP A 152 -42.52 -14.54 3.78
N LEU A 153 -41.79 -14.08 2.78
CA LEU A 153 -41.33 -14.92 1.67
C LEU A 153 -40.15 -15.82 2.07
N THR A 154 -40.03 -16.94 1.37
CA THR A 154 -38.82 -17.78 1.40
C THR A 154 -37.95 -17.44 0.20
N LEU A 155 -36.65 -17.28 0.44
CA LEU A 155 -35.65 -17.09 -0.59
C LEU A 155 -34.73 -18.30 -0.66
N GLN A 156 -34.21 -18.56 -1.85
CA GLN A 156 -33.11 -19.49 -2.05
C GLN A 156 -31.90 -18.76 -2.64
N ALA A 157 -30.78 -18.80 -1.94
CA ALA A 157 -29.48 -18.46 -2.52
C ALA A 157 -28.73 -19.74 -2.88
N MET A 158 -28.22 -19.79 -4.11
CA MET A 158 -27.43 -20.94 -4.58
C MET A 158 -26.07 -20.45 -5.09
N PHE A 159 -25.01 -21.06 -4.57
CA PHE A 159 -23.66 -20.83 -5.09
C PHE A 159 -23.42 -21.69 -6.33
N VAL A 160 -23.12 -21.05 -7.44
CA VAL A 160 -22.83 -21.71 -8.71
C VAL A 160 -21.36 -21.54 -9.04
N PRO A 161 -20.53 -22.55 -8.77
CA PRO A 161 -19.09 -22.45 -9.07
C PRO A 161 -18.82 -22.32 -10.56
N THR A 162 -17.56 -22.00 -10.85
CA THR A 162 -17.06 -21.97 -12.22
C THR A 162 -17.42 -23.23 -12.99
N GLY A 163 -18.01 -23.03 -14.16
CA GLY A 163 -18.38 -24.10 -15.05
C GLY A 163 -19.67 -24.82 -14.73
N ALA A 164 -20.27 -24.59 -13.58
CA ALA A 164 -21.64 -24.99 -13.35
C ALA A 164 -22.58 -24.03 -14.08
N LEU A 165 -23.75 -24.54 -14.42
CA LEU A 165 -24.78 -23.79 -15.13
C LEU A 165 -25.57 -22.89 -14.18
N THR A 166 -25.77 -21.62 -14.57
CA THR A 166 -26.67 -20.75 -13.83
C THR A 166 -28.14 -20.96 -14.22
N PRO A 167 -29.06 -20.79 -13.27
CA PRO A 167 -30.50 -20.80 -13.59
C PRO A 167 -30.91 -19.76 -14.63
N GLU A 168 -31.87 -20.14 -15.46
CA GLU A 168 -32.38 -19.29 -16.51
C GLU A 168 -33.74 -18.69 -16.17
N LYS A 169 -34.46 -19.26 -15.20
CA LYS A 169 -35.79 -18.87 -14.80
C LYS A 169 -35.92 -19.01 -13.30
N GLN A 170 -36.98 -18.43 -12.74
CA GLN A 170 -37.28 -18.62 -11.32
C GLN A 170 -37.53 -20.08 -10.99
N ASP A 171 -38.10 -20.84 -11.90
CA ASP A 171 -38.55 -22.19 -11.65
C ASP A 171 -37.77 -23.25 -12.43
N SER A 172 -36.63 -22.90 -13.01
CA SER A 172 -35.85 -23.89 -13.75
C SER A 172 -35.30 -24.96 -12.81
N PHE A 173 -35.05 -26.13 -13.39
CA PHE A 173 -34.56 -27.28 -12.65
C PHE A 173 -33.14 -27.12 -12.09
N HIS A 174 -32.38 -26.10 -12.51
CA HIS A 174 -31.11 -25.82 -11.83
C HIS A 174 -31.29 -25.59 -10.33
N TRP A 175 -32.41 -25.01 -9.91
CA TRP A 175 -32.64 -24.76 -8.50
C TRP A 175 -32.81 -26.03 -7.67
N GLN A 176 -32.96 -27.21 -8.28
CA GLN A 176 -33.04 -28.44 -7.50
C GLN A 176 -31.76 -28.75 -6.73
N SER A 177 -30.63 -28.11 -7.08
CA SER A 177 -29.43 -27.99 -6.23
C SER A 177 -28.89 -29.34 -5.73
N GLY A 178 -28.77 -30.30 -6.63
CA GLY A 178 -28.31 -31.62 -6.22
C GLY A 178 -26.91 -31.63 -5.63
N SER A 179 -26.01 -30.82 -6.16
CA SER A 179 -24.65 -30.73 -5.66
C SER A 179 -24.19 -29.31 -5.34
N ASN A 180 -24.86 -28.28 -5.85
CA ASN A 180 -24.57 -26.93 -5.38
C ASN A 180 -24.99 -26.76 -3.92
N ALA A 181 -24.23 -25.96 -3.18
CA ALA A 181 -24.69 -25.51 -1.87
C ALA A 181 -25.77 -24.44 -2.04
N SER A 182 -26.92 -24.66 -1.42
CA SER A 182 -27.99 -23.68 -1.31
C SER A 182 -28.33 -23.42 0.15
N VAL A 183 -28.71 -22.19 0.44
CA VAL A 183 -29.36 -21.86 1.71
C VAL A 183 -30.75 -21.29 1.45
N PHE A 184 -31.73 -21.81 2.16
CA PHE A 184 -33.10 -21.31 2.16
C PHE A 184 -33.33 -20.52 3.44
N PHE A 185 -33.91 -19.33 3.32
CA PHE A 185 -34.08 -18.45 4.46
C PHE A 185 -35.35 -17.63 4.30
N LYS A 186 -35.99 -17.31 5.42
CA LYS A 186 -37.15 -16.45 5.42
C LYS A 186 -36.77 -15.01 5.65
N ILE A 187 -37.63 -14.12 5.19
CA ILE A 187 -37.48 -12.69 5.48
C ILE A 187 -37.62 -12.43 6.98
N SER A 188 -38.54 -13.10 7.67
CA SER A 188 -38.70 -12.91 9.10
C SER A 188 -37.59 -13.52 9.93
N ASP A 189 -36.74 -14.39 9.37
CA ASP A 189 -35.58 -14.88 10.09
C ASP A 189 -34.59 -13.76 10.40
N PRO A 190 -33.68 -13.99 11.34
CA PRO A 190 -32.39 -13.32 11.32
C PRO A 190 -31.72 -13.48 9.97
N PRO A 191 -30.86 -12.56 9.58
CA PRO A 191 -30.11 -12.71 8.33
C PRO A 191 -29.44 -14.07 8.18
N ALA A 192 -29.51 -14.64 6.98
CA ALA A 192 -28.86 -15.90 6.69
C ALA A 192 -27.34 -15.75 6.75
N ARG A 193 -26.65 -16.75 7.31
CA ARG A 193 -25.21 -16.68 7.43
C ARG A 193 -24.54 -18.01 7.11
N ILE A 194 -23.45 -17.95 6.34
CA ILE A 194 -22.62 -19.11 6.02
C ILE A 194 -21.16 -18.65 5.96
N THR A 195 -20.24 -19.59 6.16
CA THR A 195 -18.83 -19.34 5.88
C THR A 195 -18.40 -20.04 4.60
N ILE A 196 -17.69 -19.32 3.75
CA ILE A 196 -17.02 -19.89 2.59
C ILE A 196 -15.53 -20.00 2.90
N PRO A 197 -14.91 -21.15 2.67
CA PRO A 197 -13.47 -21.28 2.92
C PRO A 197 -12.67 -20.44 1.92
N PHE A 198 -11.42 -20.15 2.30
CA PHE A 198 -10.40 -19.72 1.36
C PHE A 198 -10.30 -20.72 0.22
N MET A 199 -10.63 -20.29 -0.99
CA MET A 199 -10.83 -21.21 -2.09
C MET A 199 -9.96 -20.90 -3.32
N CYS A 200 -8.95 -20.05 -3.18
CA CYS A 200 -8.01 -19.78 -4.26
C CYS A 200 -7.26 -21.05 -4.68
N ILE A 201 -6.96 -21.16 -5.98
CA ILE A 201 -6.08 -22.25 -6.41
C ILE A 201 -4.62 -21.97 -6.09
N ASN A 202 -4.28 -20.76 -5.65
CA ASN A 202 -3.00 -20.42 -5.06
C ASN A 202 -3.13 -20.33 -3.55
N SER A 203 -1.98 -20.14 -2.89
CA SER A 203 -1.93 -20.03 -1.44
C SER A 203 -2.44 -18.68 -0.92
N ALA A 204 -2.59 -17.68 -1.78
CA ALA A 204 -3.22 -16.41 -1.39
C ALA A 204 -3.95 -15.85 -2.60
N TYR A 205 -4.98 -15.05 -2.33
CA TYR A 205 -5.57 -14.21 -3.34
C TYR A 205 -4.59 -13.12 -3.79
N SER A 206 -4.63 -12.83 -5.09
CA SER A 206 -3.89 -11.70 -5.67
C SER A 206 -4.80 -10.48 -5.69
N VAL A 207 -4.63 -9.59 -4.70
CA VAL A 207 -5.43 -8.37 -4.63
C VAL A 207 -5.14 -7.47 -5.82
N PHE A 208 -3.89 -7.42 -6.25
CA PHE A 208 -3.52 -6.80 -7.52
C PHE A 208 -2.88 -7.85 -8.40
N TYR A 209 -3.04 -7.68 -9.70
CA TYR A 209 -2.53 -8.67 -10.65
C TYR A 209 -1.99 -7.94 -11.88
N ASP A 210 -0.67 -7.83 -11.97
CA ASP A 210 -0.01 -7.20 -13.11
C ASP A 210 0.17 -8.23 -14.24
N GLY A 211 -0.95 -8.65 -14.80
CA GLY A 211 -0.91 -9.73 -15.77
C GLY A 211 -2.23 -9.90 -16.48
N PHE A 212 -2.24 -10.86 -17.40
CA PHE A 212 -3.36 -11.12 -18.31
C PHE A 212 -3.92 -12.50 -18.07
N ALA A 213 -5.24 -12.64 -18.16
CA ALA A 213 -5.94 -13.86 -17.77
C ALA A 213 -5.80 -15.01 -18.75
N GLY A 214 -5.49 -14.75 -20.02
CA GLY A 214 -5.50 -15.81 -21.00
C GLY A 214 -4.20 -15.99 -21.73
N PHE A 215 -4.05 -17.13 -22.41
CA PHE A 215 -2.85 -17.40 -23.21
C PHE A 215 -2.79 -16.64 -24.52
N GLU A 216 -3.89 -16.11 -25.00
CA GLU A 216 -3.86 -15.16 -26.09
C GLU A 216 -3.66 -13.74 -25.54
N LYS A 217 -3.58 -12.76 -26.42
CA LYS A 217 -3.32 -11.38 -26.03
C LYS A 217 -4.57 -10.58 -25.66
N ASN A 218 -5.77 -11.06 -25.94
CA ASN A 218 -6.99 -10.31 -25.71
C ASN A 218 -7.64 -10.53 -24.34
N GLY A 219 -7.05 -11.37 -23.50
CA GLY A 219 -7.61 -11.63 -22.18
C GLY A 219 -7.60 -10.41 -21.28
N LEU A 220 -8.40 -10.50 -20.21
CA LEU A 220 -8.52 -9.41 -19.26
C LEU A 220 -7.19 -9.10 -18.58
N TYR A 221 -6.81 -7.84 -18.61
CA TYR A 221 -5.75 -7.36 -17.74
C TYR A 221 -6.27 -7.19 -16.32
N GLY A 222 -5.42 -7.49 -15.35
CA GLY A 222 -5.64 -7.07 -13.98
C GLY A 222 -6.44 -7.99 -13.08
N ILE A 223 -6.92 -9.13 -13.58
CA ILE A 223 -7.70 -10.07 -12.78
C ILE A 223 -7.00 -11.43 -12.82
N ASN A 224 -6.56 -11.91 -11.67
CA ASN A 224 -5.96 -13.23 -11.63
C ASN A 224 -7.04 -14.29 -11.80
N PRO A 225 -6.98 -15.12 -12.85
CA PRO A 225 -7.96 -16.21 -13.00
C PRO A 225 -8.01 -17.14 -11.81
N ALA A 226 -6.88 -17.29 -11.10
CA ALA A 226 -6.79 -18.13 -9.92
C ALA A 226 -7.74 -17.73 -8.80
N ASP A 227 -8.23 -16.49 -8.78
CA ASP A 227 -9.08 -15.97 -7.72
C ASP A 227 -10.59 -16.08 -7.99
N THR A 228 -11.02 -16.67 -9.11
CA THR A 228 -12.44 -16.73 -9.46
C THR A 228 -13.27 -17.51 -8.44
N ILE A 229 -14.27 -16.85 -7.85
CA ILE A 229 -15.15 -17.46 -6.88
C ILE A 229 -16.32 -18.17 -7.57
N GLY A 230 -17.08 -17.45 -8.38
CA GLY A 230 -18.24 -17.99 -9.05
C GLY A 230 -19.45 -17.08 -9.09
N ASN A 231 -20.65 -17.64 -9.08
CA ASN A 231 -21.88 -16.87 -9.12
C ASN A 231 -22.76 -17.14 -7.92
N LEU A 232 -23.39 -16.08 -7.42
CA LEU A 232 -24.45 -16.18 -6.44
C LEU A 232 -25.81 -15.97 -7.12
N CYS A 233 -26.67 -16.97 -7.04
CA CYS A 233 -28.01 -16.93 -7.62
C CYS A 233 -29.04 -16.93 -6.51
N VAL A 234 -29.89 -15.91 -6.50
CA VAL A 234 -30.91 -15.73 -5.48
C VAL A 234 -32.26 -15.65 -6.16
N ARG A 235 -33.19 -16.51 -5.74
CA ARG A 235 -34.57 -16.45 -6.18
C ARG A 235 -35.49 -16.29 -4.99
N ILE A 236 -36.65 -15.70 -5.22
CA ILE A 236 -37.81 -15.95 -4.38
C ILE A 236 -38.40 -17.31 -4.74
N VAL A 237 -38.68 -18.11 -3.73
CA VAL A 237 -39.22 -19.45 -3.94
C VAL A 237 -40.74 -19.45 -4.08
N ASN A 238 -41.42 -18.57 -3.36
CA ASN A 238 -42.86 -18.39 -3.53
C ASN A 238 -43.19 -18.04 -4.98
N GLU A 239 -44.29 -18.60 -5.46
CA GLU A 239 -44.99 -18.08 -6.62
C GLU A 239 -45.38 -16.62 -6.38
N HIS A 240 -45.55 -15.88 -7.48
CA HIS A 240 -45.95 -14.48 -7.35
C HIS A 240 -47.33 -14.35 -6.70
N GLN A 241 -47.49 -13.28 -5.95
CA GLN A 241 -48.77 -12.85 -5.41
C GLN A 241 -49.55 -12.07 -6.46
N PRO A 242 -50.83 -11.77 -6.20
CA PRO A 242 -51.57 -10.86 -7.10
C PRO A 242 -51.02 -9.44 -7.19
N VAL A 243 -50.16 -9.01 -6.27
CA VAL A 243 -49.61 -7.66 -6.29
C VAL A 243 -48.09 -7.75 -6.29
N GLY A 244 -47.47 -6.69 -6.80
CA GLY A 244 -46.02 -6.61 -6.90
C GLY A 244 -45.36 -6.06 -5.63
N PHE A 245 -44.19 -6.62 -5.33
CA PHE A 245 -43.32 -6.12 -4.28
C PHE A 245 -41.93 -5.88 -4.85
N THR A 246 -41.21 -4.95 -4.23
CA THR A 246 -39.78 -4.82 -4.48
C THR A 246 -39.00 -5.48 -3.35
N VAL A 247 -38.12 -6.41 -3.69
CA VAL A 247 -37.26 -7.11 -2.75
C VAL A 247 -35.82 -6.64 -2.95
N THR A 248 -35.16 -6.25 -1.86
CA THR A 248 -33.75 -5.89 -1.86
C THR A 248 -32.93 -6.91 -1.07
N VAL A 249 -31.90 -7.44 -1.70
CA VAL A 249 -30.96 -8.36 -1.07
C VAL A 249 -29.63 -7.64 -0.87
N ARG A 250 -29.13 -7.64 0.36
CA ARG A 250 -27.81 -7.12 0.70
C ARG A 250 -26.92 -8.27 1.19
N VAL A 251 -25.73 -8.37 0.60
CA VAL A 251 -24.73 -9.38 0.99
C VAL A 251 -23.58 -8.68 1.71
N TYR A 252 -23.22 -9.20 2.88
CA TYR A 252 -22.08 -8.70 3.65
C TYR A 252 -21.01 -9.77 3.73
N MET A 253 -19.76 -9.37 3.54
CA MET A 253 -18.60 -10.24 3.70
C MET A 253 -17.76 -9.77 4.88
N LYS A 254 -17.40 -10.71 5.74
CA LYS A 254 -16.36 -10.47 6.74
C LYS A 254 -15.19 -11.42 6.51
N PRO A 255 -14.02 -10.95 6.09
CA PRO A 255 -12.82 -11.81 6.11
C PRO A 255 -12.48 -12.30 7.52
N LYS A 256 -12.03 -13.55 7.63
CA LYS A 256 -11.51 -14.05 8.90
C LYS A 256 -10.40 -15.06 8.64
N HIS A 257 -9.58 -15.29 9.68
CA HIS A 257 -8.40 -16.14 9.61
C HIS A 257 -7.42 -15.62 8.56
N ILE A 258 -7.09 -14.36 8.70
CA ILE A 258 -6.45 -13.54 7.68
C ILE A 258 -4.93 -13.64 7.77
N LYS A 259 -4.29 -13.87 6.63
CA LYS A 259 -2.87 -13.53 6.43
C LYS A 259 -2.74 -12.51 5.31
N ALA A 260 -1.84 -11.56 5.49
CA ALA A 260 -1.67 -10.43 4.59
C ALA A 260 -0.20 -10.19 4.29
N TRP A 261 0.11 -9.93 3.03
CA TRP A 261 1.47 -9.70 2.60
C TRP A 261 1.57 -8.45 1.73
N ALA A 262 2.71 -7.79 1.83
CA ALA A 262 3.17 -6.66 1.04
C ALA A 262 2.21 -5.48 1.05
N PRO A 263 2.29 -4.64 2.09
CA PRO A 263 1.46 -3.42 2.16
C PRO A 263 1.76 -2.42 1.06
N ARG A 264 0.74 -1.69 0.66
CA ARG A 264 0.69 -0.85 -0.53
C ARG A 264 0.33 0.59 -0.19
N PRO A 265 0.73 1.55 -1.02
CA PRO A 265 0.13 2.90 -1.00
C PRO A 265 -1.39 2.85 -1.12
N PRO A 266 -2.11 3.48 -0.19
CA PRO A 266 -3.57 3.54 -0.30
C PRO A 266 -4.02 4.25 -1.56
N ARG A 267 -5.23 3.90 -1.99
CA ARG A 267 -5.93 4.63 -3.05
C ARG A 267 -6.15 6.10 -2.67
N THR A 268 -5.80 7.00 -3.57
CA THR A 268 -6.03 8.43 -3.36
C THR A 268 -7.11 8.98 -4.27
N LEU A 269 -7.07 8.66 -5.54
CA LEU A 269 -8.08 9.15 -6.46
C LEU A 269 -9.34 8.28 -6.38
N PRO A 270 -10.51 8.86 -6.60
CA PRO A 270 -11.74 8.05 -6.67
C PRO A 270 -11.61 6.87 -7.63
N TYR A 271 -12.20 5.75 -7.22
CA TYR A 271 -12.37 4.61 -8.10
C TYR A 271 -13.34 4.92 -9.24
N MET A 272 -13.01 4.43 -10.42
CA MET A 272 -13.84 4.57 -11.61
C MET A 272 -14.62 3.30 -11.95
N SER A 273 -13.99 2.15 -11.81
CA SER A 273 -14.49 0.90 -12.36
C SER A 273 -14.21 -0.23 -11.38
N ILE A 274 -15.06 -1.24 -11.40
CA ILE A 274 -14.74 -2.48 -10.69
C ILE A 274 -13.68 -3.29 -11.42
N ALA A 275 -13.51 -3.05 -12.72
CA ALA A 275 -12.69 -3.91 -13.57
C ALA A 275 -11.21 -3.53 -13.60
N ASN A 276 -10.84 -2.36 -13.14
CA ASN A 276 -9.48 -1.85 -13.34
C ASN A 276 -9.16 -0.82 -12.27
N ALA A 277 -7.90 -0.37 -12.27
CA ALA A 277 -7.41 0.71 -11.42
C ALA A 277 -7.51 2.10 -12.05
N ASN A 278 -8.27 2.27 -13.14
CA ASN A 278 -8.31 3.56 -13.84
C ASN A 278 -8.68 4.70 -12.90
N TYR A 279 -8.18 5.88 -13.22
CA TYR A 279 -8.24 7.04 -12.34
C TYR A 279 -8.47 8.31 -13.15
N LYS A 280 -9.10 9.26 -12.53
CA LYS A 280 -9.38 10.59 -13.05
C LYS A 280 -9.05 11.69 -12.06
N GLY A 281 -9.30 11.47 -10.78
CA GLY A 281 -9.22 12.47 -9.74
C GLY A 281 -10.47 13.30 -9.64
N LYS A 282 -10.60 14.00 -8.53
CA LYS A 282 -11.58 15.05 -8.39
C LYS A 282 -11.18 16.28 -9.17
N GLU A 283 -12.17 17.11 -9.47
CA GLU A 283 -11.97 18.26 -10.34
C GLU A 283 -11.01 19.28 -9.72
N ARG A 284 -10.99 19.37 -8.39
CA ARG A 284 -10.04 20.22 -7.69
C ARG A 284 -9.67 19.54 -6.38
N ALA A 285 -8.55 19.97 -5.81
CA ALA A 285 -8.08 19.41 -4.56
C ALA A 285 -9.14 19.59 -3.46
N PRO A 286 -9.20 18.67 -2.50
CA PRO A 286 -8.36 17.47 -2.32
C PRO A 286 -8.63 16.33 -3.31
N ASN A 287 -7.67 15.42 -3.45
CA ASN A 287 -7.79 14.21 -4.29
C ASN A 287 -8.01 14.51 -5.76
N ALA A 288 -7.47 15.62 -6.24
CA ALA A 288 -7.30 15.89 -7.65
C ALA A 288 -6.02 15.20 -8.15
N LEU A 289 -5.97 14.93 -9.45
CA LEU A 289 -4.78 14.29 -10.03
C LEU A 289 -3.54 15.16 -9.91
N SER A 290 -3.69 16.48 -9.99
CA SER A 290 -2.57 17.40 -9.80
C SER A 290 -2.30 17.78 -8.34
N ALA A 291 -3.23 17.50 -7.42
CA ALA A 291 -3.07 17.99 -6.04
C ALA A 291 -3.91 17.10 -5.13
N ILE A 292 -3.25 16.20 -4.40
CA ILE A 292 -3.97 15.33 -3.48
C ILE A 292 -4.41 16.09 -2.23
N ILE A 293 -3.51 16.84 -1.63
CA ILE A 293 -3.85 17.68 -0.49
C ILE A 293 -4.37 19.03 -0.96
N GLY A 294 -5.40 19.53 -0.27
CA GLY A 294 -5.90 20.86 -0.52
C GLY A 294 -4.86 21.95 -0.27
N ASN A 295 -4.98 23.04 -1.01
CA ASN A 295 -3.97 24.08 -0.98
C ASN A 295 -4.04 24.93 0.29
N ARG A 296 -2.89 25.46 0.67
CA ARG A 296 -2.74 26.60 1.57
C ARG A 296 -2.05 27.74 0.81
N ASP A 297 -2.18 28.95 1.36
CA ASP A 297 -1.70 30.15 0.67
C ASP A 297 -0.20 30.13 0.42
N SER A 298 0.58 29.55 1.34
CA SER A 298 2.02 29.46 1.17
C SER A 298 2.54 28.40 2.12
N VAL A 299 3.79 27.97 1.89
CA VAL A 299 4.47 27.07 2.81
C VAL A 299 4.76 27.71 4.17
N LYS A 300 4.55 29.02 4.30
CA LYS A 300 4.63 29.72 5.58
C LYS A 300 3.29 29.97 6.24
N THR A 301 2.19 29.66 5.57
CA THR A 301 0.86 29.88 6.13
C THR A 301 0.45 28.73 7.05
N MET A 302 0.07 29.05 8.27
CA MET A 302 -0.51 28.06 9.17
C MET A 302 -2.04 28.15 9.14
N PRO A 303 -2.72 27.15 8.57
CA PRO A 303 -4.17 27.30 8.28
C PRO A 303 -5.09 27.40 9.49
N HIS A 304 -4.79 26.75 10.61
CA HIS A 304 -5.65 26.77 11.77
C HIS A 304 -4.91 27.36 12.97
N ASN A 305 -4.08 28.36 12.69
CA ASN A 305 -3.24 28.99 13.70
C ASN A 305 -4.08 29.52 14.86
N ILE A 306 -3.68 29.17 16.08
CA ILE A 306 -4.31 29.70 17.29
C ILE A 306 -3.90 31.15 17.45
N VAL A 307 -4.87 32.04 17.62
CA VAL A 307 -4.56 33.43 17.95
C VAL A 307 -5.45 33.88 19.10
N ASN A 308 -4.85 34.60 20.05
CA ASN A 308 -5.51 35.07 21.26
C ASN A 308 -5.09 36.50 21.56
N GLY B 1 -36.16 -31.22 27.49
CA GLY B 1 -35.25 -30.24 26.97
C GLY B 1 -34.77 -29.21 27.96
N VAL B 2 -33.86 -28.36 27.52
CA VAL B 2 -33.31 -27.30 28.36
C VAL B 2 -34.28 -26.13 28.38
N PRO B 3 -34.72 -25.66 29.55
CA PRO B 3 -35.46 -24.39 29.63
C PRO B 3 -34.55 -23.20 29.33
N THR B 4 -35.02 -22.30 28.47
CA THR B 4 -34.21 -21.19 27.97
C THR B 4 -35.08 -19.96 27.81
N TYR B 5 -34.43 -18.80 27.80
CA TYR B 5 -35.08 -17.55 27.46
C TYR B 5 -34.14 -16.68 26.64
N LEU B 6 -34.73 -15.92 25.72
CA LEU B 6 -34.00 -14.99 24.86
C LEU B 6 -33.76 -13.65 25.53
N LEU B 7 -32.54 -13.17 25.41
CA LEU B 7 -32.09 -11.86 25.86
C LEU B 7 -32.37 -10.77 24.84
N PRO B 8 -32.42 -9.52 25.27
CA PRO B 8 -32.21 -8.40 24.34
C PRO B 8 -30.96 -8.61 23.48
N GLY B 9 -31.05 -8.16 22.23
CA GLY B 9 -30.03 -8.39 21.23
C GLY B 9 -30.11 -9.70 20.51
N SER B 10 -31.05 -10.57 20.86
CA SER B 10 -31.29 -11.79 20.11
C SER B 10 -31.73 -11.49 18.69
N GLY B 11 -31.13 -12.18 17.73
CA GLY B 11 -31.40 -12.05 16.32
C GLY B 11 -30.81 -10.84 15.62
N GLN B 12 -30.05 -10.01 16.32
CA GLN B 12 -29.44 -8.84 15.70
C GLN B 12 -28.26 -9.23 14.80
N PHE B 13 -28.00 -8.41 13.79
CA PHE B 13 -26.79 -8.49 12.97
C PHE B 13 -25.86 -7.32 13.32
N LEU B 14 -24.92 -7.59 14.22
CA LEU B 14 -23.83 -6.69 14.56
C LEU B 14 -22.62 -6.95 13.65
N THR B 15 -22.20 -5.92 12.91
CA THR B 15 -21.15 -6.12 11.90
C THR B 15 -19.77 -6.43 12.51
N THR B 16 -19.55 -6.14 13.78
CA THR B 16 -18.31 -6.51 14.46
C THR B 16 -18.44 -7.76 15.34
N ASP B 17 -19.52 -8.52 15.25
CA ASP B 17 -19.68 -9.73 16.06
C ASP B 17 -18.60 -10.78 15.69
N ASP B 18 -18.46 -11.78 16.55
CA ASP B 18 -17.39 -12.76 16.36
C ASP B 18 -17.87 -14.14 16.80
N HIS B 19 -18.43 -14.89 15.87
CA HIS B 19 -18.98 -16.21 16.14
C HIS B 19 -18.47 -17.17 15.07
N SER B 20 -18.54 -18.46 15.37
CA SER B 20 -18.48 -19.46 14.31
C SER B 20 -19.77 -19.45 13.48
N SER B 21 -19.68 -19.89 12.24
CA SER B 21 -20.84 -20.01 11.38
C SER B 21 -20.68 -21.21 10.45
N ALA B 22 -21.82 -21.66 9.94
CA ALA B 22 -21.97 -22.92 9.22
C ALA B 22 -21.07 -22.99 7.98
N PRO B 23 -20.22 -24.00 7.85
CA PRO B 23 -19.41 -24.17 6.63
C PRO B 23 -20.26 -24.62 5.43
N ALA B 24 -20.26 -23.81 4.38
CA ALA B 24 -21.05 -24.11 3.19
C ALA B 24 -20.45 -25.24 2.34
N LEU B 25 -19.15 -25.46 2.41
CA LEU B 25 -18.47 -26.48 1.61
C LEU B 25 -17.82 -27.51 2.53
N PRO B 26 -18.54 -28.55 2.94
CA PRO B 26 -17.94 -29.53 3.86
C PRO B 26 -16.81 -30.33 3.21
N CYS B 27 -15.77 -30.58 4.02
CA CYS B 27 -14.57 -31.33 3.62
C CYS B 27 -13.74 -30.64 2.54
N PHE B 28 -13.93 -29.35 2.31
CA PHE B 28 -13.05 -28.59 1.41
C PHE B 28 -11.65 -28.49 2.01
N ASN B 29 -10.64 -28.81 1.21
CA ASN B 29 -9.26 -28.66 1.63
C ASN B 29 -8.66 -27.42 0.97
N PRO B 30 -8.39 -26.34 1.72
CA PRO B 30 -7.70 -25.17 1.17
C PRO B 30 -6.29 -25.49 0.67
N THR B 31 -5.84 -24.71 -0.30
CA THR B 31 -4.51 -24.86 -0.87
C THR B 31 -3.45 -24.79 0.23
N PRO B 32 -2.45 -25.68 0.24
CA PRO B 32 -1.39 -25.60 1.25
C PRO B 32 -0.80 -24.20 1.33
N GLU B 33 -0.49 -23.77 2.54
CA GLU B 33 0.22 -22.51 2.73
C GLU B 33 1.63 -22.54 2.15
N MET B 34 2.05 -21.41 1.64
CA MET B 34 3.37 -21.22 1.08
C MET B 34 3.93 -19.96 1.70
N HIS B 35 5.23 -19.96 2.00
CA HIS B 35 5.88 -18.73 2.44
C HIS B 35 5.89 -17.67 1.35
N ILE B 36 5.46 -16.47 1.72
CA ILE B 36 5.47 -15.30 0.84
C ILE B 36 6.26 -14.21 1.55
N PRO B 37 7.15 -13.50 0.86
CA PRO B 37 7.79 -12.32 1.48
C PRO B 37 6.77 -11.26 1.94
N GLY B 38 7.13 -10.59 3.03
CA GLY B 38 6.47 -9.38 3.46
C GLY B 38 5.14 -9.51 4.18
N GLN B 39 4.97 -10.54 5.00
CA GLN B 39 3.78 -10.63 5.84
C GLN B 39 3.70 -9.47 6.84
N VAL B 40 2.52 -8.85 6.90
CA VAL B 40 2.17 -7.86 7.92
C VAL B 40 1.17 -8.48 8.88
N ARG B 41 1.38 -8.27 10.17
CA ARG B 41 0.49 -8.76 11.20
C ARG B 41 -0.12 -7.68 12.06
N ASN B 42 0.50 -6.50 12.16
CA ASN B 42 -0.07 -5.35 12.83
C ASN B 42 0.09 -4.13 11.94
N MET B 43 -0.96 -3.34 11.81
CA MET B 43 -0.90 -2.09 11.04
C MET B 43 0.12 -1.09 11.58
N LEU B 44 0.51 -1.18 12.85
CA LEU B 44 1.57 -0.32 13.36
C LEU B 44 2.91 -0.55 12.68
N GLU B 45 3.17 -1.73 12.11
CA GLU B 45 4.39 -1.93 11.32
C GLU B 45 4.41 -1.04 10.08
N VAL B 46 3.25 -0.74 9.51
CA VAL B 46 3.19 0.08 8.31
C VAL B 46 3.43 1.56 8.62
N VAL B 47 2.85 2.07 9.70
CA VAL B 47 2.98 3.49 10.04
C VAL B 47 4.36 3.85 10.57
N GLN B 48 5.17 2.87 10.94
CA GLN B 48 6.58 3.11 11.25
C GLN B 48 7.45 3.33 10.01
N VAL B 49 6.96 3.06 8.82
CA VAL B 49 7.71 3.33 7.60
C VAL B 49 7.53 4.79 7.21
N GLU B 50 8.63 5.51 7.03
CA GLU B 50 8.56 6.92 6.63
C GLU B 50 8.11 7.09 5.18
N SER B 51 7.36 8.15 4.94
CA SER B 51 6.76 8.46 3.64
C SER B 51 6.72 9.97 3.49
N MET B 52 6.69 10.42 2.24
CA MET B 52 6.88 11.85 1.95
C MET B 52 5.70 12.71 2.39
N MET B 53 6.01 13.83 3.03
CA MET B 53 5.05 14.86 3.35
C MET B 53 4.80 15.77 2.15
N GLU B 54 3.54 16.14 1.94
CA GLU B 54 3.18 17.12 0.91
C GLU B 54 3.24 18.56 1.47
N ILE B 55 4.46 18.98 1.82
CA ILE B 55 4.66 20.27 2.48
C ILE B 55 4.33 21.45 1.56
N ASN B 56 4.65 21.34 0.28
CA ASN B 56 4.40 22.38 -0.71
C ASN B 56 3.02 22.25 -1.35
N ASN B 57 2.00 22.10 -0.50
CA ASN B 57 0.60 22.06 -0.92
C ASN B 57 0.05 23.46 -1.23
N THR B 58 0.59 24.04 -2.29
CA THR B 58 0.24 25.39 -2.73
C THR B 58 -0.23 25.33 -4.17
N GLU B 59 -1.06 26.29 -4.54
CA GLU B 59 -1.27 26.57 -5.96
C GLU B 59 0.07 26.93 -6.61
N SER B 60 0.19 26.60 -7.89
CA SER B 60 1.43 26.65 -8.66
C SER B 60 2.46 25.62 -8.22
N ALA B 61 2.08 24.64 -7.42
CA ALA B 61 2.80 23.38 -7.30
C ALA B 61 1.90 22.28 -7.84
N VAL B 62 2.37 21.59 -8.87
CA VAL B 62 1.58 20.59 -9.58
C VAL B 62 2.23 19.23 -9.40
N GLY B 63 1.45 18.26 -8.92
CA GLY B 63 1.92 16.88 -8.82
C GLY B 63 3.17 16.70 -7.98
N MET B 64 4.21 16.13 -8.59
CA MET B 64 5.48 15.88 -7.89
C MET B 64 6.08 17.14 -7.27
N GLU B 65 5.82 18.32 -7.84
CA GLU B 65 6.33 19.57 -7.26
C GLU B 65 5.86 19.80 -5.83
N ARG B 66 4.76 19.18 -5.43
CA ARG B 66 4.20 19.34 -4.10
C ARG B 66 4.95 18.56 -3.03
N LEU B 67 5.80 17.61 -3.41
CA LEU B 67 6.53 16.77 -2.46
C LEU B 67 7.91 17.31 -2.09
N LYS B 68 8.36 18.42 -2.67
CA LYS B 68 9.63 19.03 -2.29
C LYS B 68 9.45 20.50 -1.93
N VAL B 69 10.35 20.99 -1.06
CA VAL B 69 10.46 22.40 -0.70
C VAL B 69 11.78 22.95 -1.23
N ASP B 70 11.70 24.05 -1.97
CA ASP B 70 12.89 24.71 -2.52
C ASP B 70 13.44 25.79 -1.60
N ILE B 71 14.76 25.75 -1.41
CA ILE B 71 15.51 26.66 -0.55
C ILE B 71 16.46 27.49 -1.42
N SER B 72 16.57 28.78 -1.11
CA SER B 72 17.48 29.68 -1.80
C SER B 72 18.33 30.43 -0.79
N ALA B 73 19.47 30.92 -1.25
CA ALA B 73 20.30 31.83 -0.47
C ALA B 73 19.54 33.11 -0.16
N LEU B 74 19.60 33.53 1.10
CA LEU B 74 18.94 34.72 1.57
C LEU B 74 19.97 35.77 1.96
N THR B 75 19.57 37.03 1.91
CA THR B 75 20.44 38.14 2.29
C THR B 75 20.07 38.74 3.65
N ASP B 76 19.07 38.21 4.33
CA ASP B 76 18.74 38.57 5.70
C ASP B 76 18.94 37.37 6.61
N VAL B 77 19.37 37.63 7.85
CA VAL B 77 19.63 36.55 8.79
C VAL B 77 18.33 36.04 9.44
N ASP B 78 18.40 34.81 9.97
CA ASP B 78 17.41 34.17 10.83
C ASP B 78 16.06 33.91 10.17
N GLN B 79 15.96 33.87 8.84
CA GLN B 79 14.67 33.89 8.18
C GLN B 79 13.90 32.56 8.25
N LEU B 80 12.58 32.67 8.39
CA LEU B 80 11.66 31.54 8.25
C LEU B 80 11.62 30.99 6.83
N LEU B 81 11.68 29.67 6.70
CA LEU B 81 11.63 28.97 5.42
C LEU B 81 10.27 28.33 5.14
N PHE B 82 9.71 27.57 6.09
CA PHE B 82 8.38 26.98 5.96
C PHE B 82 7.88 26.57 7.34
N ASN B 83 6.58 26.32 7.42
CA ASN B 83 5.99 25.65 8.58
C ASN B 83 5.15 24.46 8.11
N ILE B 84 4.96 23.50 9.00
CA ILE B 84 4.17 22.31 8.71
C ILE B 84 2.99 22.24 9.67
N PRO B 85 1.76 22.35 9.17
CA PRO B 85 0.57 22.02 9.97
C PRO B 85 0.59 20.57 10.46
N LEU B 86 0.36 20.38 11.75
CA LEU B 86 0.44 19.05 12.35
C LEU B 86 -0.90 18.36 12.54
N ASP B 87 -2.02 18.95 12.13
CA ASP B 87 -3.33 18.32 12.28
C ASP B 87 -3.51 17.21 11.23
N ILE B 88 -3.51 15.96 11.68
CA ILE B 88 -3.70 14.79 10.81
C ILE B 88 -5.15 14.62 10.35
N GLN B 89 -6.11 15.10 11.15
CA GLN B 89 -7.51 14.99 10.78
C GLN B 89 -7.88 15.97 9.68
N LEU B 90 -7.46 17.22 9.81
CA LEU B 90 -7.73 18.18 8.76
C LEU B 90 -6.72 18.02 7.64
N ASP B 91 -7.12 18.47 6.46
CA ASP B 91 -6.36 18.25 5.25
C ASP B 91 -5.07 19.06 5.28
N GLY B 92 -3.94 18.38 5.15
CA GLY B 92 -2.66 19.05 5.20
C GLY B 92 -1.52 18.10 4.88
N PRO B 93 -0.29 18.61 4.93
CA PRO B 93 0.87 17.84 4.46
C PRO B 93 0.98 16.43 5.02
N LEU B 94 0.41 16.15 6.19
CA LEU B 94 0.50 14.83 6.81
C LEU B 94 -0.56 13.84 6.35
N ARG B 95 -1.66 14.28 5.74
CA ARG B 95 -2.79 13.37 5.48
C ARG B 95 -2.41 12.20 4.59
N ASN B 96 -1.87 12.47 3.40
CA ASN B 96 -1.53 11.40 2.46
C ASN B 96 -0.15 10.80 2.74
N THR B 97 -0.02 10.22 3.92
CA THR B 97 1.19 9.54 4.34
C THR B 97 0.78 8.19 4.90
N LEU B 98 1.73 7.27 4.98
CA LEU B 98 1.43 5.96 5.52
C LEU B 98 0.92 6.05 6.95
N VAL B 99 1.61 6.80 7.80
CA VAL B 99 1.09 7.06 9.14
C VAL B 99 -0.25 7.78 9.05
N GLY B 100 -0.35 8.79 8.19
CA GLY B 100 -1.59 9.53 8.05
C GLY B 100 -2.76 8.69 7.59
N ASN B 101 -2.60 7.96 6.50
CA ASN B 101 -3.70 7.18 5.93
C ASN B 101 -4.19 6.08 6.87
N ILE B 102 -3.27 5.33 7.49
CA ILE B 102 -3.71 4.29 8.41
C ILE B 102 -4.38 4.88 9.65
N SER B 103 -3.80 5.96 10.20
CA SER B 103 -4.37 6.59 11.39
C SER B 103 -5.80 7.07 11.18
N ARG B 104 -6.17 7.49 9.97
CA ARG B 104 -7.51 7.99 9.68
C ARG B 104 -8.58 6.90 9.63
N TYR B 105 -8.22 5.62 9.69
CA TYR B 105 -9.17 4.57 10.06
C TYR B 105 -9.41 4.48 11.56
N TYR B 106 -8.77 5.30 12.37
CA TYR B 106 -8.94 5.30 13.81
C TYR B 106 -9.25 6.70 14.29
N THR B 107 -9.68 6.78 15.54
CA THR B 107 -10.20 7.99 16.15
C THR B 107 -9.27 8.56 17.21
N HIS B 108 -8.57 7.70 17.94
CA HIS B 108 -7.69 8.08 19.03
C HIS B 108 -6.26 7.68 18.68
N TRP B 109 -5.29 8.49 19.10
CA TRP B 109 -3.90 8.20 18.83
C TRP B 109 -3.00 8.69 19.96
N SER B 110 -1.85 8.06 20.10
CA SER B 110 -0.84 8.41 21.10
C SER B 110 0.55 8.07 20.58
N GLY B 111 1.55 8.74 21.13
CA GLY B 111 2.94 8.44 20.87
C GLY B 111 3.62 9.43 19.94
N SER B 112 4.95 9.28 19.89
CA SER B 112 5.87 10.20 19.22
C SER B 112 5.91 10.01 17.71
N LEU B 113 6.20 11.10 17.00
CA LEU B 113 6.44 11.11 15.56
C LEU B 113 7.88 11.49 15.25
N GLU B 114 8.40 10.99 14.14
CA GLU B 114 9.69 11.44 13.61
C GLU B 114 9.48 12.09 12.25
N MET B 115 10.03 13.29 12.07
CA MET B 115 10.22 13.89 10.75
C MET B 115 11.68 13.83 10.33
N THR B 116 11.92 13.28 9.15
CA THR B 116 13.24 13.24 8.57
C THR B 116 13.27 14.12 7.33
N PHE B 117 14.30 14.95 7.19
CA PHE B 117 14.48 15.78 6.02
C PHE B 117 15.75 15.37 5.29
N MET B 118 15.66 15.18 3.98
CA MET B 118 16.80 14.89 3.12
C MET B 118 17.13 16.13 2.29
N PHE B 119 18.35 16.62 2.41
CA PHE B 119 18.85 17.70 1.57
C PHE B 119 19.32 17.17 0.23
N CYS B 120 18.79 17.73 -0.85
CA CYS B 120 19.05 17.28 -2.22
C CYS B 120 19.69 18.36 -3.08
N GLY B 121 20.43 19.30 -2.48
CA GLY B 121 21.30 20.17 -3.24
C GLY B 121 22.51 19.46 -3.80
N SER B 122 23.38 20.22 -4.44
CA SER B 122 24.64 19.65 -4.92
C SER B 122 25.61 19.42 -3.76
N PHE B 123 26.64 18.62 -4.04
CA PHE B 123 27.71 18.36 -3.07
C PHE B 123 28.40 19.65 -2.61
N MET B 124 28.54 20.62 -3.49
CA MET B 124 29.15 21.90 -3.15
C MET B 124 28.24 22.83 -2.35
N ALA B 125 26.95 22.54 -2.24
CA ALA B 125 26.05 23.34 -1.42
C ALA B 125 26.26 23.10 0.07
N ALA B 126 26.34 24.17 0.85
CA ALA B 126 26.47 24.12 2.31
C ALA B 126 25.32 24.88 2.97
N GLY B 127 25.00 24.49 4.20
CA GLY B 127 24.04 25.26 5.01
C GLY B 127 23.67 24.66 6.35
N LYS B 128 23.12 25.49 7.24
CA LYS B 128 22.55 25.02 8.50
C LYS B 128 21.12 25.50 8.66
N LEU B 129 20.24 24.57 9.01
CA LEU B 129 18.84 24.84 9.30
C LEU B 129 18.55 24.53 10.77
N ILE B 130 17.56 25.21 11.32
CA ILE B 130 16.99 24.84 12.61
C ILE B 130 15.53 24.40 12.42
N LEU B 131 15.22 23.21 12.91
CA LEU B 131 13.88 22.63 12.85
C LEU B 131 13.27 22.60 14.24
N CYS B 132 12.14 23.27 14.43
CA CYS B 132 11.53 23.48 15.73
C CYS B 132 10.14 22.86 15.82
N TYR B 133 9.89 22.14 16.90
CA TYR B 133 8.55 21.75 17.32
C TYR B 133 8.07 22.60 18.50
N THR B 134 6.94 23.27 18.34
CA THR B 134 6.32 24.06 19.40
C THR B 134 5.11 23.33 19.96
N PRO B 135 5.15 22.94 21.24
CA PRO B 135 3.96 22.41 21.90
C PRO B 135 2.81 23.39 21.85
N PRO B 136 1.56 22.89 21.93
CA PRO B 136 0.40 23.74 21.67
C PRO B 136 0.12 24.74 22.78
N GLY B 137 -0.61 25.79 22.41
CA GLY B 137 -1.12 26.77 23.34
C GLY B 137 -1.17 28.16 22.77
N GLY B 138 -0.19 28.50 21.94
CA GLY B 138 -0.11 29.80 21.32
C GLY B 138 -0.12 29.77 19.81
N SER B 139 0.13 30.92 19.19
CA SER B 139 0.30 30.98 17.74
C SER B 139 1.61 30.31 17.31
N CYS B 140 1.62 29.86 16.06
CA CYS B 140 2.83 29.35 15.44
C CYS B 140 3.91 30.43 15.42
N PRO B 141 5.12 30.13 15.88
CA PRO B 141 6.16 31.16 15.92
C PRO B 141 6.62 31.60 14.55
N THR B 142 6.82 32.91 14.39
CA THR B 142 7.25 33.48 13.12
C THR B 142 8.69 33.95 13.13
N THR B 143 9.35 33.94 14.27
CA THR B 143 10.73 34.37 14.39
C THR B 143 11.56 33.26 15.02
N ARG B 144 12.83 33.22 14.63
CA ARG B 144 13.71 32.15 15.10
C ARG B 144 13.94 32.21 16.60
N GLU B 145 14.12 33.41 17.17
CA GLU B 145 14.34 33.46 18.61
C GLU B 145 13.09 33.11 19.42
N THR B 146 11.91 33.07 18.82
CA THR B 146 10.76 32.45 19.48
C THR B 146 10.73 30.94 19.27
N ALA B 147 10.88 30.47 18.03
CA ALA B 147 10.79 29.05 17.75
C ALA B 147 11.89 28.25 18.46
N MET B 148 13.06 28.84 18.59
CA MET B 148 14.21 28.28 19.29
C MET B 148 13.92 27.85 20.73
N LEU B 149 12.90 28.40 21.37
CA LEU B 149 12.54 28.05 22.75
C LEU B 149 11.88 26.68 22.87
N GLY B 150 11.29 26.15 21.80
CA GLY B 150 10.75 24.81 21.79
C GLY B 150 11.79 23.72 21.55
N THR B 151 11.28 22.51 21.33
CA THR B 151 12.08 21.37 20.94
C THR B 151 12.65 21.57 19.53
N HIS B 152 13.96 21.41 19.37
CA HIS B 152 14.54 21.64 18.06
C HIS B 152 15.82 20.85 17.85
N ILE B 153 16.18 20.72 16.57
CA ILE B 153 17.47 20.22 16.12
C ILE B 153 18.08 21.25 15.18
N VAL B 154 19.38 21.52 15.32
CA VAL B 154 20.15 22.33 14.39
C VAL B 154 20.86 21.39 13.43
N TRP B 155 20.57 21.52 12.14
CA TRP B 155 21.01 20.59 11.11
C TRP B 155 22.10 21.22 10.25
N ASP B 156 23.26 20.58 10.22
CA ASP B 156 24.36 20.96 9.36
C ASP B 156 24.40 20.01 8.15
N PHE B 157 24.32 20.56 6.94
CA PHE B 157 24.44 19.76 5.72
C PHE B 157 25.84 19.18 5.58
N GLY B 158 25.92 17.89 5.32
CA GLY B 158 27.20 17.22 5.22
C GLY B 158 27.08 15.93 4.47
N LEU B 159 28.00 15.00 4.77
CA LEU B 159 27.99 13.70 4.09
C LEU B 159 26.75 12.89 4.44
N GLN B 160 26.32 12.91 5.70
CA GLN B 160 25.00 12.40 6.04
C GLN B 160 23.95 13.38 5.56
N SER B 161 23.09 12.92 4.64
CA SER B 161 22.16 13.76 3.90
C SER B 161 20.97 14.23 4.73
N SER B 162 20.67 13.58 5.85
CA SER B 162 19.33 13.65 6.40
C SER B 162 19.38 13.82 7.91
N VAL B 163 18.41 14.55 8.43
CA VAL B 163 18.30 14.80 9.86
C VAL B 163 16.90 14.39 10.32
N THR B 164 16.79 13.91 11.55
CA THR B 164 15.51 13.65 12.19
C THR B 164 15.21 14.69 13.27
N LEU B 165 14.02 15.29 13.20
CA LEU B 165 13.36 15.91 14.35
C LEU B 165 12.34 14.92 14.92
N ILE B 166 12.57 14.46 16.14
CA ILE B 166 11.54 13.78 16.91
C ILE B 166 10.48 14.78 17.36
N ILE B 167 9.22 14.49 17.08
CA ILE B 167 8.13 15.14 17.80
C ILE B 167 7.70 14.25 18.97
N PRO B 168 8.15 14.55 20.18
CA PRO B 168 7.82 13.69 21.31
C PRO B 168 6.36 13.80 21.71
N TRP B 169 5.80 12.69 22.18
CA TRP B 169 4.46 12.70 22.74
C TRP B 169 4.41 13.56 24.00
N ILE B 170 3.95 14.80 23.86
CA ILE B 170 3.79 15.73 24.97
C ILE B 170 2.30 16.07 25.00
N SER B 171 1.60 15.49 25.95
CA SER B 171 0.15 15.59 26.00
C SER B 171 -0.28 15.40 27.44
N GLY B 172 -1.33 16.11 27.84
CA GLY B 172 -1.92 15.89 29.15
C GLY B 172 -2.68 14.58 29.24
N SER B 173 -3.48 14.27 28.22
CA SER B 173 -4.19 13.00 28.14
C SER B 173 -3.35 11.88 27.53
N HIS B 174 -3.74 10.65 27.88
CA HIS B 174 -3.19 9.44 27.26
C HIS B 174 -3.33 9.43 25.75
N TYR B 175 -4.43 9.93 25.21
CA TYR B 175 -4.65 9.97 23.77
C TYR B 175 -5.07 11.36 23.32
N ARG B 176 -4.80 11.65 22.05
CA ARG B 176 -5.46 12.71 21.30
C ARG B 176 -6.55 12.14 20.38
N MET B 177 -7.45 13.00 19.96
CA MET B 177 -8.50 12.68 18.99
C MET B 177 -8.16 13.25 17.61
N PHE B 178 -8.55 12.52 16.57
CA PHE B 178 -8.63 13.04 15.20
C PHE B 178 -9.94 13.80 15.01
N ASN B 179 -9.93 15.02 15.54
CA ASN B 179 -11.10 15.87 15.67
C ASN B 179 -11.10 16.95 14.58
N ASN B 180 -12.26 17.13 13.92
CA ASN B 180 -12.38 18.20 12.92
C ASN B 180 -12.23 19.60 13.53
N ASP B 181 -12.55 19.76 14.81
CA ASP B 181 -12.22 20.96 15.57
C ASP B 181 -10.73 20.91 15.91
N ALA B 182 -9.90 21.44 15.01
CA ALA B 182 -8.46 21.40 15.18
C ALA B 182 -7.94 22.22 16.35
N LYS B 183 -8.71 23.20 16.83
CA LYS B 183 -8.32 24.03 17.97
C LYS B 183 -8.73 23.43 19.31
N SER B 184 -9.38 22.29 19.32
CA SER B 184 -9.71 21.58 20.55
C SER B 184 -8.46 21.18 21.32
N THR B 185 -8.53 21.29 22.65
CA THR B 185 -7.43 20.90 23.50
C THR B 185 -7.21 19.38 23.51
N ASN B 186 -8.18 18.61 23.09
CA ASN B 186 -7.98 17.17 22.91
C ASN B 186 -7.34 16.81 21.58
N ALA B 187 -7.02 17.76 20.72
CA ALA B 187 -6.60 17.43 19.37
C ALA B 187 -5.32 18.13 18.92
N ASN B 188 -5.16 19.41 19.21
CA ASN B 188 -4.07 20.21 18.66
C ASN B 188 -2.70 19.77 19.17
N VAL B 189 -1.80 19.49 18.23
CA VAL B 189 -0.46 19.00 18.55
C VAL B 189 0.58 20.13 18.67
N GLY B 190 0.29 21.32 18.17
CA GLY B 190 1.28 22.37 17.97
C GLY B 190 1.86 22.48 16.58
N TYR B 191 3.13 22.91 16.44
CA TYR B 191 3.66 23.29 15.13
C TYR B 191 5.09 22.84 14.93
N VAL B 192 5.42 22.59 13.67
CA VAL B 192 6.79 22.48 13.20
C VAL B 192 7.12 23.68 12.30
N THR B 193 8.25 24.33 12.57
CA THR B 193 8.75 25.47 11.81
C THR B 193 10.23 25.26 11.47
N CYS B 194 10.64 25.68 10.28
CA CYS B 194 12.03 25.60 9.83
C CYS B 194 12.60 26.99 9.55
N PHE B 195 13.74 27.30 10.16
CA PHE B 195 14.43 28.55 9.94
C PHE B 195 15.84 28.29 9.43
N MET B 196 16.39 29.29 8.73
CA MET B 196 17.83 29.38 8.53
C MET B 196 18.55 29.52 9.86
N GLN B 197 19.49 28.63 10.11
CA GLN B 197 20.44 28.85 11.20
C GLN B 197 21.63 29.67 10.70
N THR B 198 22.17 29.32 9.53
CA THR B 198 23.11 30.18 8.82
C THR B 198 22.53 30.62 7.49
N ASN B 199 23.01 30.05 6.38
CA ASN B 199 22.51 30.37 5.06
C ASN B 199 22.81 29.17 4.16
N LEU B 200 22.06 29.07 3.06
CA LEU B 200 22.46 28.22 1.93
C LEU B 200 23.54 28.92 1.13
N ILE B 201 24.71 28.29 1.03
CA ILE B 201 25.85 28.88 0.33
C ILE B 201 26.32 27.92 -0.75
N VAL B 202 26.36 28.40 -1.99
CA VAL B 202 26.69 27.56 -3.14
C VAL B 202 27.63 28.31 -4.07
N PRO B 203 28.51 27.59 -4.74
CA PRO B 203 29.31 28.20 -5.80
C PRO B 203 28.50 28.42 -7.07
N SER B 204 29.07 29.24 -7.97
CA SER B 204 28.43 29.66 -9.21
C SER B 204 27.94 28.52 -10.09
N GLU B 205 28.64 27.39 -10.11
CA GLU B 205 28.28 26.28 -10.98
C GLU B 205 27.31 25.30 -10.36
N SER B 206 27.03 25.40 -9.08
CA SER B 206 25.86 24.73 -8.54
C SER B 206 24.61 25.54 -8.83
N SER B 207 23.50 24.84 -8.90
CA SER B 207 22.19 25.47 -8.87
C SER B 207 22.03 26.35 -7.63
N ASP B 208 21.52 27.56 -7.83
CA ASP B 208 21.28 28.49 -6.72
C ASP B 208 20.09 28.09 -5.84
N THR B 209 19.29 27.11 -6.24
CA THR B 209 18.11 26.72 -5.48
C THR B 209 18.15 25.21 -5.24
N CYS B 210 17.88 24.81 -3.99
CA CYS B 210 18.01 23.43 -3.56
C CYS B 210 16.72 22.97 -2.88
N SER B 211 16.48 21.67 -2.90
CA SER B 211 15.23 21.13 -2.36
C SER B 211 15.46 20.29 -1.10
N LEU B 212 14.49 20.36 -0.21
CA LEU B 212 14.28 19.38 0.84
C LEU B 212 13.13 18.44 0.47
N ILE B 213 13.27 17.16 0.77
CA ILE B 213 12.15 16.24 0.91
C ILE B 213 11.91 15.95 2.39
N GLY B 214 10.70 16.21 2.86
CA GLY B 214 10.29 15.82 4.20
C GLY B 214 9.56 14.48 4.27
N PHE B 215 9.90 13.71 5.30
CA PHE B 215 9.29 12.43 5.56
C PHE B 215 8.74 12.42 7.00
N ILE B 216 7.71 11.62 7.22
CA ILE B 216 7.19 11.40 8.55
C ILE B 216 6.92 9.90 8.74
N ALA B 217 7.14 9.42 9.96
CA ALA B 217 6.69 8.11 10.40
C ALA B 217 6.35 8.18 11.88
N ALA B 218 5.61 7.19 12.35
CA ALA B 218 5.47 6.97 13.78
C ALA B 218 6.69 6.22 14.35
N LYS B 219 6.96 6.47 15.62
CA LYS B 219 7.87 5.65 16.40
C LYS B 219 7.12 4.43 16.96
N ASP B 220 7.85 3.50 17.58
CA ASP B 220 7.20 2.32 18.13
C ASP B 220 6.51 2.52 19.48
N ASP B 221 6.54 3.73 20.04
CA ASP B 221 5.64 4.05 21.15
C ASP B 221 4.22 4.43 20.70
N PHE B 222 3.93 4.37 19.41
CA PHE B 222 2.70 4.87 18.79
C PHE B 222 1.57 3.84 18.84
N SER B 223 0.36 4.31 19.14
CA SER B 223 -0.82 3.48 19.34
C SER B 223 -2.04 4.14 18.67
N LEU B 224 -2.93 3.33 18.10
CA LEU B 224 -4.18 3.77 17.51
C LEU B 224 -5.38 3.07 18.11
N ARG B 225 -6.50 3.76 18.19
CA ARG B 225 -7.64 3.19 18.88
C ARG B 225 -8.96 3.69 18.26
N LEU B 226 -10.01 2.87 18.42
CA LEU B 226 -11.39 3.09 17.99
C LEU B 226 -11.51 3.20 16.45
N MET B 227 -11.67 2.05 15.81
CA MET B 227 -11.77 1.99 14.35
C MET B 227 -13.03 2.67 13.81
N ARG B 228 -12.86 3.38 12.70
CA ARG B 228 -13.91 4.16 12.05
C ARG B 228 -13.74 4.04 10.53
N ASP B 229 -14.80 4.39 9.80
CA ASP B 229 -14.69 4.61 8.36
C ASP B 229 -13.78 5.79 8.05
N SER B 230 -12.80 5.56 7.21
CA SER B 230 -11.88 6.62 6.81
C SER B 230 -12.60 7.61 5.89
N PRO B 231 -12.50 8.92 6.16
CA PRO B 231 -13.12 9.91 5.25
C PRO B 231 -12.41 10.13 3.93
N ASP B 232 -11.30 9.42 3.66
CA ASP B 232 -10.54 9.57 2.43
C ASP B 232 -11.23 9.04 1.17
N ILE B 233 -12.21 8.16 1.28
CA ILE B 233 -12.78 7.52 0.10
C ILE B 233 -14.30 7.61 0.21
N GLY B 234 -14.96 7.65 -0.95
CA GLY B 234 -16.40 7.62 -1.02
C GLY B 234 -16.85 7.37 -2.44
N GLN B 235 -18.12 7.02 -2.60
CA GLN B 235 -18.68 6.91 -3.94
C GLN B 235 -20.07 7.54 -3.97
N LEU B 236 -20.34 8.24 -5.06
CA LEU B 236 -21.64 8.86 -5.26
C LEU B 236 -22.59 8.02 -6.09
N ASP B 237 -22.09 6.96 -6.72
CA ASP B 237 -22.85 6.16 -7.67
C ASP B 237 -22.19 4.80 -7.76
N HIS B 238 -22.85 3.86 -8.44
CA HIS B 238 -22.23 2.61 -8.84
C HIS B 238 -21.00 2.86 -9.70
N LEU B 239 -19.97 2.04 -9.49
CA LEU B 239 -18.82 2.07 -10.38
C LEU B 239 -19.18 1.53 -11.75
N HIS B 240 -18.40 1.92 -12.74
CA HIS B 240 -18.51 1.31 -14.05
C HIS B 240 -18.33 -0.20 -13.99
N ALA B 241 -19.14 -0.91 -14.78
CA ALA B 241 -19.23 -2.37 -14.82
C ALA B 241 -19.73 -3.07 -13.55
N ALA B 242 -20.10 -2.34 -12.50
CA ALA B 242 -20.68 -3.00 -11.33
C ALA B 242 -22.07 -3.58 -11.63
N GLU B 243 -22.87 -2.86 -12.43
CA GLU B 243 -24.15 -3.40 -12.91
C GLU B 243 -23.96 -4.64 -13.77
N ALA B 244 -22.93 -4.64 -14.62
CA ALA B 244 -22.69 -5.76 -15.51
C ALA B 244 -22.38 -7.05 -14.77
N ALA B 245 -22.00 -6.99 -13.50
CA ALA B 245 -21.87 -8.21 -12.72
C ALA B 245 -23.21 -8.93 -12.50
N TYR B 246 -24.32 -8.24 -12.63
CA TYR B 246 -25.63 -8.87 -12.57
C TYR B 246 -26.15 -9.34 -13.92
N GLN B 247 -25.44 -9.07 -15.01
CA GLN B 247 -25.96 -9.43 -16.32
C GLN B 247 -25.26 -10.67 -16.86
N SER C 10 33.13 2.53 4.48
CA SER C 10 33.22 1.13 4.11
C SER C 10 32.09 0.77 3.17
N ASP C 11 30.85 0.79 3.65
CA ASP C 11 29.72 0.36 2.84
C ASP C 11 29.31 1.35 1.76
N ARG C 12 30.21 2.26 1.38
CA ARG C 12 30.05 2.99 0.12
C ARG C 12 30.65 2.28 -1.09
N VAL C 13 31.51 1.28 -0.90
CA VAL C 13 32.02 0.48 -2.01
C VAL C 13 31.35 -0.89 -2.03
N LEU C 14 31.04 -1.36 -3.22
CA LEU C 14 30.38 -2.64 -3.39
C LEU C 14 30.85 -3.31 -4.67
N GLN C 15 31.12 -4.61 -4.61
CA GLN C 15 31.29 -5.44 -5.80
C GLN C 15 30.26 -6.56 -5.84
N LEU C 16 29.62 -6.73 -6.99
CA LEU C 16 28.67 -7.79 -7.26
C LEU C 16 29.21 -8.72 -8.34
N LYS C 17 29.35 -10.01 -8.04
CA LYS C 17 29.82 -10.99 -9.01
C LYS C 17 28.81 -12.11 -9.17
N LEU C 18 28.31 -12.27 -10.39
CA LEU C 18 27.36 -13.33 -10.74
C LEU C 18 27.69 -13.84 -12.14
N GLY C 19 28.02 -15.12 -12.23
CA GLY C 19 28.45 -15.72 -13.48
C GLY C 19 29.74 -15.12 -14.01
N ASN C 20 29.76 -14.82 -15.31
CA ASN C 20 30.87 -14.13 -15.98
C ASN C 20 30.81 -12.60 -15.86
N SER C 21 29.92 -12.04 -15.06
CA SER C 21 29.68 -10.61 -14.98
C SER C 21 30.06 -10.08 -13.61
N ALA C 22 30.60 -8.86 -13.56
CA ALA C 22 30.86 -8.20 -12.29
C ALA C 22 30.61 -6.71 -12.41
N ILE C 23 30.15 -6.12 -11.32
CA ILE C 23 29.93 -4.68 -11.22
C ILE C 23 30.61 -4.18 -9.97
N VAL C 24 31.31 -3.06 -10.07
CA VAL C 24 31.82 -2.36 -8.91
C VAL C 24 31.19 -0.97 -8.87
N THR C 25 30.91 -0.51 -7.67
CA THR C 25 30.53 0.88 -7.42
C THR C 25 31.37 1.38 -6.26
N GLN C 26 31.80 2.63 -6.36
CA GLN C 26 32.55 3.26 -5.29
C GLN C 26 31.72 4.24 -4.49
N GLU C 27 30.41 4.33 -4.78
CA GLU C 27 29.52 5.32 -4.20
C GLU C 27 28.13 4.70 -4.00
N ALA C 28 28.07 3.54 -3.34
CA ALA C 28 26.82 2.92 -2.91
C ALA C 28 26.28 3.55 -1.62
N ALA C 29 25.00 3.31 -1.38
CA ALA C 29 24.35 3.60 -0.11
C ALA C 29 23.77 2.31 0.49
N ASN C 30 24.66 1.44 0.98
CA ASN C 30 24.32 0.08 1.42
C ASN C 30 23.64 -0.66 0.26
N TYR C 31 22.83 -1.68 0.52
CA TYR C 31 21.85 -2.10 -0.47
C TYR C 31 20.63 -2.74 0.19
N CYS C 32 19.53 -2.74 -0.54
CA CYS C 32 18.25 -3.28 -0.07
C CYS C 32 18.11 -4.76 -0.39
N CYS C 33 17.76 -5.56 0.62
CA CYS C 33 17.18 -6.89 0.43
C CYS C 33 15.68 -6.80 0.69
N ALA C 34 14.89 -6.97 -0.37
CA ALA C 34 13.44 -6.76 -0.28
C ALA C 34 12.80 -7.66 0.77
N TYR C 35 12.08 -7.03 1.70
CA TYR C 35 11.42 -7.64 2.84
C TYR C 35 12.35 -8.51 3.69
N GLY C 36 13.66 -8.25 3.64
CA GLY C 36 14.65 -9.06 4.32
C GLY C 36 14.88 -10.45 3.77
N GLU C 37 14.36 -10.78 2.60
CA GLU C 37 14.54 -12.09 2.01
C GLU C 37 15.77 -12.12 1.11
N TRP C 38 16.26 -13.32 0.86
CA TRP C 38 17.23 -13.60 -0.17
C TRP C 38 16.64 -14.62 -1.14
N PRO C 39 16.90 -14.51 -2.45
CA PRO C 39 16.46 -15.55 -3.41
C PRO C 39 16.92 -16.95 -3.05
N ASN C 40 16.07 -17.93 -3.36
CA ASN C 40 16.36 -19.34 -3.17
C ASN C 40 15.63 -20.16 -4.22
N TYR C 41 16.13 -21.36 -4.47
CA TYR C 41 15.38 -22.36 -5.24
C TYR C 41 14.15 -22.87 -4.48
N LEU C 42 13.17 -23.29 -5.25
CA LEU C 42 11.93 -23.89 -4.74
C LEU C 42 12.17 -25.21 -4.00
N PRO C 43 11.87 -25.28 -2.70
CA PRO C 43 12.03 -26.55 -1.98
C PRO C 43 10.94 -27.55 -2.33
N ASP C 44 11.26 -28.83 -2.09
CA ASP C 44 10.35 -29.94 -2.40
C ASP C 44 9.01 -29.85 -1.69
N HIS C 45 8.96 -29.29 -0.49
CA HIS C 45 7.70 -29.15 0.24
C HIS C 45 6.84 -27.97 -0.23
N GLU C 46 7.30 -27.16 -1.17
CA GLU C 46 6.45 -26.16 -1.79
C GLU C 46 6.16 -26.43 -3.27
N ALA C 47 6.87 -27.36 -3.89
CA ALA C 47 6.79 -27.62 -5.33
C ALA C 47 5.43 -28.18 -5.76
N VAL C 48 5.06 -27.88 -7.00
CA VAL C 48 3.80 -28.32 -7.60
C VAL C 48 4.07 -29.17 -8.85
N ALA C 49 4.75 -28.60 -9.83
CA ALA C 49 5.11 -29.28 -11.07
C ALA C 49 6.09 -30.41 -10.80
N ILE C 50 5.75 -31.63 -11.21
CA ILE C 50 6.51 -32.81 -10.81
C ILE C 50 7.69 -33.14 -11.72
N ASP C 51 7.79 -32.54 -12.92
CA ASP C 51 8.96 -32.76 -13.75
C ASP C 51 10.21 -32.16 -13.10
N LYS C 52 11.35 -32.77 -13.39
CA LYS C 52 12.64 -32.25 -12.92
C LYS C 52 12.96 -30.91 -13.58
N PRO C 53 13.18 -29.84 -12.80
CA PRO C 53 13.51 -28.54 -13.39
C PRO C 53 14.92 -28.48 -13.97
N THR C 54 15.07 -27.71 -15.03
CA THR C 54 16.39 -27.23 -15.41
C THR C 54 16.80 -26.00 -14.59
N GLN C 55 18.04 -26.00 -14.13
CA GLN C 55 18.63 -24.89 -13.37
C GLN C 55 19.92 -24.45 -14.06
N PRO C 56 19.82 -23.56 -15.04
CA PRO C 56 20.99 -23.23 -15.88
C PRO C 56 22.13 -22.54 -15.14
N GLU C 57 21.92 -22.05 -13.93
CA GLU C 57 22.93 -21.35 -13.13
C GLU C 57 23.58 -20.19 -13.90
N THR C 58 24.90 -20.23 -14.11
CA THR C 58 25.64 -19.09 -14.65
C THR C 58 25.20 -18.67 -16.04
N ALA C 59 24.58 -19.55 -16.83
CA ALA C 59 24.06 -19.13 -18.13
C ALA C 59 22.94 -18.10 -18.01
N THR C 60 22.11 -18.19 -16.96
CA THR C 60 21.03 -17.25 -16.71
C THR C 60 21.33 -16.27 -15.58
N ASP C 61 22.08 -16.68 -14.56
CA ASP C 61 22.18 -15.94 -13.30
C ASP C 61 23.38 -14.99 -13.36
N ARG C 62 23.21 -13.93 -14.14
CA ARG C 62 24.26 -13.03 -14.56
C ARG C 62 23.61 -11.68 -14.87
N PHE C 63 24.39 -10.60 -14.80
CA PHE C 63 23.87 -9.29 -15.15
C PHE C 63 23.61 -9.10 -16.64
N TYR C 64 22.39 -8.67 -16.96
CA TYR C 64 22.04 -8.12 -18.26
C TYR C 64 21.85 -6.62 -18.15
N THR C 65 22.52 -5.87 -19.01
CA THR C 65 22.37 -4.43 -19.06
C THR C 65 21.37 -4.03 -20.14
N LEU C 66 20.36 -3.25 -19.76
CA LEU C 66 19.39 -2.66 -20.67
C LEU C 66 19.93 -1.41 -21.35
N LYS C 67 19.20 -0.94 -22.34
CA LYS C 67 19.43 0.39 -22.93
C LYS C 67 19.26 1.51 -21.90
N SER C 68 20.22 2.44 -21.88
CA SER C 68 20.14 3.61 -21.02
C SER C 68 19.05 4.60 -21.44
N VAL C 69 18.54 5.34 -20.46
CA VAL C 69 17.61 6.45 -20.66
C VAL C 69 18.27 7.76 -20.24
N LYS C 70 17.93 8.83 -20.95
CA LYS C 70 18.45 10.17 -20.66
C LYS C 70 17.63 10.85 -19.57
N TRP C 71 18.29 11.28 -18.49
CA TRP C 71 17.69 12.16 -17.48
C TRP C 71 17.64 13.59 -17.99
N GLU C 72 16.43 14.08 -18.18
CA GLU C 72 16.16 15.42 -18.69
C GLU C 72 15.24 16.16 -17.74
N THR C 73 15.30 17.49 -17.78
CA THR C 73 14.60 18.30 -16.79
C THR C 73 13.09 18.06 -16.79
N GLY C 74 12.52 17.68 -17.93
CA GLY C 74 11.11 17.33 -18.01
C GLY C 74 10.72 15.89 -17.76
N SER C 75 11.66 15.02 -17.39
CA SER C 75 11.37 13.59 -17.23
C SER C 75 10.33 13.30 -16.15
N THR C 76 9.40 12.40 -16.47
CA THR C 76 8.45 11.89 -15.49
C THR C 76 8.92 10.63 -14.78
N GLY C 77 9.94 9.95 -15.27
CA GLY C 77 10.36 8.67 -14.73
C GLY C 77 10.06 7.50 -15.66
N TRP C 78 10.63 6.37 -15.29
CA TRP C 78 10.76 5.20 -16.15
C TRP C 78 10.37 3.93 -15.40
N TRP C 79 9.89 2.93 -16.13
CA TRP C 79 9.59 1.65 -15.53
C TRP C 79 9.91 0.50 -16.46
N TRP C 80 10.25 -0.64 -15.86
CA TRP C 80 10.47 -1.91 -16.55
C TRP C 80 9.79 -3.02 -15.75
N LYS C 81 9.17 -3.95 -16.45
CA LYS C 81 8.47 -5.06 -15.82
C LYS C 81 9.30 -6.34 -15.91
N LEU C 82 9.33 -7.10 -14.84
CA LEU C 82 10.07 -8.35 -14.75
C LEU C 82 9.13 -9.53 -14.61
N PRO C 83 9.28 -10.59 -15.40
CA PRO C 83 10.40 -10.90 -16.31
C PRO C 83 10.35 -10.30 -17.70
N ASP C 84 9.27 -9.60 -18.06
CA ASP C 84 9.05 -9.10 -19.42
C ASP C 84 10.27 -8.43 -20.09
N ALA C 85 10.93 -7.52 -19.39
CA ALA C 85 12.10 -6.85 -19.94
C ALA C 85 13.25 -7.79 -20.30
N LEU C 86 13.35 -8.96 -19.67
CA LEU C 86 14.42 -9.91 -19.96
C LEU C 86 14.00 -11.10 -20.82
N ASN C 87 12.70 -11.25 -21.13
CA ASN C 87 12.21 -12.44 -21.82
C ASN C 87 12.79 -12.67 -23.20
N ASN C 88 13.49 -11.70 -23.80
CA ASN C 88 14.17 -11.92 -25.07
C ASN C 88 15.70 -11.79 -25.01
N ILE C 89 16.31 -11.83 -23.83
CA ILE C 89 17.73 -11.54 -23.69
C ILE C 89 18.51 -12.79 -23.28
N GLY C 90 19.54 -13.12 -24.05
CA GLY C 90 20.51 -14.17 -23.79
C GLY C 90 19.90 -15.53 -23.54
N MET C 91 20.57 -16.32 -22.68
CA MET C 91 20.06 -17.63 -22.33
C MET C 91 18.87 -17.58 -21.37
N PHE C 92 18.68 -16.48 -20.64
CA PHE C 92 17.43 -16.33 -19.88
C PHE C 92 16.23 -16.29 -20.81
N GLY C 93 16.30 -15.46 -21.85
CA GLY C 93 15.26 -15.43 -22.86
C GLY C 93 14.99 -16.75 -23.53
N GLN C 94 16.05 -17.47 -23.92
CA GLN C 94 15.87 -18.79 -24.54
C GLN C 94 15.17 -19.78 -23.63
N ASN C 95 15.60 -19.87 -22.36
CA ASN C 95 14.89 -20.72 -21.41
C ASN C 95 13.44 -20.28 -21.19
N VAL C 96 13.18 -18.98 -21.12
CA VAL C 96 11.81 -18.49 -21.01
C VAL C 96 10.96 -18.96 -22.19
N GLN C 97 11.49 -18.85 -23.40
CA GLN C 97 10.71 -19.10 -24.60
C GLN C 97 10.43 -20.60 -24.78
N HIS C 98 11.27 -21.48 -24.26
CA HIS C 98 11.06 -22.90 -24.40
C HIS C 98 10.36 -23.56 -23.20
N HIS C 99 10.12 -22.83 -22.12
CA HIS C 99 9.51 -23.46 -20.96
C HIS C 99 8.20 -22.78 -20.61
N TYR C 100 7.21 -23.60 -20.28
CA TYR C 100 5.93 -23.12 -19.78
C TYR C 100 6.10 -22.35 -18.46
N LEU C 101 6.88 -22.87 -17.53
CA LEU C 101 6.97 -22.30 -16.20
C LEU C 101 8.37 -21.77 -15.93
N TYR C 102 8.45 -20.63 -15.24
CA TYR C 102 9.70 -20.08 -14.75
C TYR C 102 9.56 -19.68 -13.28
N ARG C 103 10.70 -19.54 -12.61
CA ARG C 103 10.79 -18.91 -11.29
C ARG C 103 12.17 -18.29 -11.15
N SER C 104 12.26 -17.08 -10.62
CA SER C 104 13.56 -16.57 -10.17
C SER C 104 13.37 -15.39 -9.23
N GLY C 105 14.43 -15.08 -8.48
CA GLY C 105 14.67 -13.76 -7.97
C GLY C 105 15.34 -12.84 -8.98
N PHE C 106 15.65 -11.62 -8.53
CA PHE C 106 16.41 -10.66 -9.33
C PHE C 106 17.37 -9.85 -8.46
N LEU C 107 18.51 -9.49 -9.04
CA LEU C 107 19.39 -8.45 -8.55
C LEU C 107 19.30 -7.24 -9.48
N ILE C 108 18.84 -6.11 -8.95
CA ILE C 108 18.71 -4.86 -9.70
C ILE C 108 19.79 -3.88 -9.27
N HIS C 109 20.56 -3.38 -10.24
CA HIS C 109 21.57 -2.35 -10.02
C HIS C 109 21.33 -1.17 -10.95
N VAL C 110 21.04 0.00 -10.38
CA VAL C 110 20.76 1.23 -11.11
C VAL C 110 21.95 2.17 -10.99
N GLN C 111 22.40 2.71 -12.13
CA GLN C 111 23.60 3.54 -12.22
C GLN C 111 23.27 4.93 -12.76
N CYS C 112 23.68 5.96 -12.02
CA CYS C 112 23.61 7.34 -12.50
C CYS C 112 24.65 8.19 -11.78
N ASN C 113 25.56 8.76 -12.53
CA ASN C 113 26.61 9.64 -12.00
C ASN C 113 26.52 11.03 -12.62
N ALA C 114 27.00 12.02 -11.87
CA ALA C 114 27.05 13.41 -12.32
C ALA C 114 28.19 14.10 -11.60
N THR C 115 28.37 15.39 -11.85
CA THR C 115 29.41 16.12 -11.13
C THR C 115 28.95 16.49 -9.71
N LYS C 116 29.91 16.93 -8.91
CA LYS C 116 29.67 17.57 -7.62
C LYS C 116 28.91 18.89 -7.71
N PHE C 117 28.75 19.45 -8.90
CA PHE C 117 27.90 20.62 -9.11
C PHE C 117 26.48 20.29 -9.55
N HIS C 118 26.19 19.03 -9.88
CA HIS C 118 24.83 18.62 -10.16
C HIS C 118 24.06 18.28 -8.88
N GLN C 119 22.75 18.44 -8.97
CA GLN C 119 21.79 18.01 -7.98
C GLN C 119 20.64 17.27 -8.66
N GLY C 120 19.94 16.46 -7.91
CA GLY C 120 18.81 15.68 -8.38
C GLY C 120 18.67 14.42 -7.54
N ALA C 121 17.42 13.95 -7.42
CA ALA C 121 17.16 12.73 -6.66
C ALA C 121 16.18 11.81 -7.41
N LEU C 122 16.58 10.56 -7.56
CA LEU C 122 15.75 9.51 -8.14
C LEU C 122 15.28 8.57 -7.03
N LEU C 123 13.97 8.38 -6.93
CA LEU C 123 13.44 7.23 -6.20
C LEU C 123 13.54 5.98 -7.09
N VAL C 124 14.23 4.95 -6.60
CA VAL C 124 14.36 3.66 -7.26
C VAL C 124 13.56 2.64 -6.45
N VAL C 125 12.42 2.22 -6.95
CA VAL C 125 11.50 1.40 -6.18
C VAL C 125 11.08 0.18 -6.99
N ALA C 126 11.15 -1.00 -6.37
CA ALA C 126 10.62 -2.23 -6.93
C ALA C 126 9.21 -2.49 -6.39
N ILE C 127 8.23 -2.48 -7.29
CA ILE C 127 6.82 -2.63 -6.93
C ILE C 127 6.36 -4.05 -7.29
N PRO C 128 5.89 -4.83 -6.32
CA PRO C 128 5.27 -6.11 -6.66
C PRO C 128 3.86 -5.92 -7.19
N GLU C 129 3.50 -6.69 -8.22
CA GLU C 129 2.18 -6.63 -8.88
C GLU C 129 1.77 -5.20 -9.20
N HIS C 130 2.60 -4.49 -9.97
CA HIS C 130 2.24 -3.13 -10.35
C HIS C 130 1.19 -3.12 -11.46
N GLN C 131 -0.03 -3.46 -11.08
CA GLN C 131 -1.20 -3.38 -11.97
C GLN C 131 -1.53 -1.93 -12.29
N ARG C 132 -1.28 -1.55 -13.54
CA ARG C 132 -1.44 -0.17 -14.00
C ARG C 132 -2.91 0.17 -14.23
N GLY C 133 -3.26 1.42 -13.95
CA GLY C 133 -4.49 2.03 -14.43
C GLY C 133 -4.27 2.92 -15.64
N ALA C 134 -5.32 3.13 -16.41
CA ALA C 134 -5.38 4.18 -17.41
C ALA C 134 -5.93 5.48 -16.84
N HIS C 135 -5.53 6.60 -17.42
CA HIS C 135 -6.09 7.91 -17.08
C HIS C 135 -7.36 8.22 -17.87
N ASN C 136 -8.39 8.67 -17.14
CA ASN C 136 -9.57 9.35 -17.69
C ASN C 136 -10.34 8.50 -18.72
N THR C 137 -10.49 7.21 -18.43
CA THR C 137 -11.26 6.31 -19.27
C THR C 137 -11.73 5.15 -18.40
N ASN C 138 -12.81 4.49 -18.82
CA ASN C 138 -13.23 3.24 -18.18
C ASN C 138 -12.56 2.00 -18.74
N THR C 139 -11.96 2.09 -19.93
CA THR C 139 -11.35 0.95 -20.59
C THR C 139 -10.03 0.57 -19.92
N SER C 140 -9.89 -0.70 -19.55
CA SER C 140 -8.64 -1.19 -18.96
C SER C 140 -7.47 -1.05 -19.92
N PRO C 141 -6.27 -0.83 -19.39
CA PRO C 141 -5.05 -0.91 -20.22
C PRO C 141 -4.96 -2.16 -21.08
N GLY C 142 -4.55 -1.98 -22.33
CA GLY C 142 -4.36 -3.07 -23.26
C GLY C 142 -2.98 -3.70 -23.17
N PHE C 143 -2.84 -4.80 -23.92
CA PHE C 143 -1.59 -5.56 -23.94
C PHE C 143 -0.38 -4.70 -24.31
N ASP C 144 -0.50 -3.87 -25.36
CA ASP C 144 0.62 -3.02 -25.76
C ASP C 144 0.91 -1.88 -24.80
N ASP C 145 -0.02 -1.53 -23.91
CA ASP C 145 0.27 -0.56 -22.86
C ASP C 145 1.11 -1.17 -21.75
N ILE C 146 1.01 -2.48 -21.54
CA ILE C 146 1.63 -3.15 -20.42
C ILE C 146 2.96 -3.77 -20.82
N MET C 147 3.00 -4.49 -21.93
CA MET C 147 4.12 -5.34 -22.29
C MET C 147 5.11 -4.60 -23.18
N LYS C 148 5.99 -3.82 -22.54
CA LYS C 148 6.95 -2.97 -23.23
C LYS C 148 8.27 -3.66 -23.54
N GLY C 149 8.57 -4.77 -22.87
CA GLY C 149 9.83 -5.44 -23.03
C GLY C 149 11.02 -4.66 -22.53
N GLU C 150 12.16 -4.92 -23.18
CA GLU C 150 13.45 -4.36 -22.76
C GLU C 150 13.46 -2.83 -22.74
N GLU C 151 12.72 -2.18 -23.62
CA GLU C 151 12.71 -0.72 -23.64
C GLU C 151 12.04 -0.11 -22.41
N GLY C 152 11.10 -0.81 -21.80
CA GLY C 152 10.32 -0.27 -20.70
C GLY C 152 9.37 0.85 -21.10
N GLY C 153 8.78 1.47 -20.06
CA GLY C 153 7.85 2.56 -20.23
C GLY C 153 8.22 3.81 -19.46
N THR C 154 7.39 4.81 -19.65
CA THR C 154 7.48 6.09 -18.97
C THR C 154 6.22 6.29 -18.13
N PHE C 155 6.35 6.90 -16.96
CA PHE C 155 5.19 7.22 -16.16
C PHE C 155 4.36 8.34 -16.79
N ASN C 156 3.05 8.12 -16.82
CA ASN C 156 2.10 9.14 -17.25
C ASN C 156 1.86 10.14 -16.13
N HIS C 157 1.63 9.63 -14.93
CA HIS C 157 1.32 10.44 -13.76
C HIS C 157 2.06 9.87 -12.55
N PRO C 158 3.38 10.10 -12.48
CA PRO C 158 4.17 9.48 -11.40
C PRO C 158 3.69 9.84 -10.01
N TYR C 159 3.08 11.01 -9.87
CA TYR C 159 2.50 11.46 -8.61
C TYR C 159 1.46 10.50 -8.03
N VAL C 160 0.74 9.76 -8.88
CA VAL C 160 -0.17 8.71 -8.41
C VAL C 160 0.29 7.32 -8.85
N LEU C 161 1.56 7.16 -9.21
CA LEU C 161 2.17 5.91 -9.71
C LEU C 161 1.44 5.28 -10.89
N ASP C 162 0.72 6.08 -11.68
CA ASP C 162 -0.18 5.60 -12.74
C ASP C 162 -1.19 4.56 -12.25
N ASP C 163 -1.50 4.54 -10.96
CA ASP C 163 -2.44 3.55 -10.44
C ASP C 163 -3.42 4.15 -9.44
N GLY C 164 -3.55 5.49 -9.43
CA GLY C 164 -4.45 6.17 -8.54
C GLY C 164 -4.10 6.09 -7.07
N THR C 165 -2.88 5.70 -6.73
CA THR C 165 -2.42 5.67 -5.34
C THR C 165 -1.53 6.90 -5.09
N SER C 166 -0.33 6.77 -4.54
CA SER C 166 0.56 7.92 -4.51
C SER C 166 2.03 7.54 -4.49
N LEU C 167 2.81 8.41 -5.13
CA LEU C 167 4.26 8.43 -4.99
C LEU C 167 4.71 8.61 -3.55
N ALA C 168 4.01 9.46 -2.80
CA ALA C 168 4.42 9.79 -1.44
C ALA C 168 4.54 8.55 -0.55
N CYS C 169 3.62 7.60 -0.69
CA CYS C 169 3.63 6.38 0.10
C CYS C 169 4.37 5.22 -0.56
N ALA C 170 4.97 5.42 -1.74
CA ALA C 170 5.66 4.35 -2.45
C ALA C 170 6.86 3.78 -1.68
N THR C 171 7.38 4.51 -0.69
CA THR C 171 8.43 3.99 0.19
C THR C 171 8.01 2.78 1.02
N ILE C 172 6.72 2.42 1.06
CA ILE C 172 6.34 1.13 1.62
C ILE C 172 6.91 -0.03 0.80
N PHE C 173 7.23 0.18 -0.46
CA PHE C 173 7.87 -0.84 -1.26
C PHE C 173 9.39 -0.81 -1.10
N PRO C 174 10.06 -1.95 -1.36
CA PRO C 174 11.54 -2.00 -1.41
C PRO C 174 12.14 -0.94 -2.33
N HIS C 175 13.04 -0.13 -1.80
CA HIS C 175 13.51 1.04 -2.55
C HIS C 175 14.87 1.49 -2.04
N GLN C 176 15.51 2.32 -2.87
CA GLN C 176 16.63 3.16 -2.49
C GLN C 176 16.43 4.50 -3.19
N TRP C 177 17.26 5.47 -2.83
CA TRP C 177 17.39 6.72 -3.56
C TRP C 177 18.78 6.83 -4.16
N ILE C 178 18.86 7.40 -5.35
CA ILE C 178 20.08 8.02 -5.84
C ILE C 178 19.93 9.52 -5.63
N ASN C 179 20.58 10.03 -4.60
CA ASN C 179 20.70 11.46 -4.37
C ASN C 179 22.09 11.85 -4.85
N LEU C 180 22.17 12.65 -5.92
CA LEU C 180 23.41 12.85 -6.66
C LEU C 180 24.55 13.39 -5.81
N ARG C 181 24.21 14.16 -4.78
CA ARG C 181 25.15 14.62 -3.78
C ARG C 181 25.78 13.50 -2.96
N THR C 182 25.06 12.40 -2.75
CA THR C 182 25.45 11.33 -1.84
C THR C 182 25.98 10.09 -2.55
N ASN C 183 25.26 9.59 -3.56
CA ASN C 183 25.54 8.28 -4.13
C ASN C 183 25.26 8.31 -5.62
N ASN C 184 25.87 7.37 -6.32
CA ASN C 184 25.68 7.20 -7.76
C ASN C 184 25.07 5.85 -8.16
N SER C 185 24.70 5.01 -7.21
CA SER C 185 24.09 3.74 -7.59
C SER C 185 23.14 3.26 -6.52
N ALA C 186 22.21 2.41 -6.95
CA ALA C 186 21.23 1.76 -6.09
C ALA C 186 21.21 0.27 -6.40
N THR C 187 21.06 -0.55 -5.35
CA THR C 187 21.00 -2.00 -5.48
C THR C 187 19.83 -2.56 -4.68
N ILE C 188 18.98 -3.35 -5.33
CA ILE C 188 17.85 -4.02 -4.68
C ILE C 188 17.88 -5.50 -5.04
N VAL C 189 17.80 -6.35 -4.04
CA VAL C 189 17.69 -7.79 -4.21
C VAL C 189 16.24 -8.21 -4.02
N LEU C 190 15.65 -8.83 -5.02
CA LEU C 190 14.25 -9.25 -5.02
C LEU C 190 14.15 -10.76 -4.89
N PRO C 191 13.46 -11.27 -3.88
CA PRO C 191 13.10 -12.69 -3.88
C PRO C 191 11.99 -12.98 -4.90
N TRP C 192 11.73 -14.27 -5.11
CA TRP C 192 10.49 -14.69 -5.76
C TRP C 192 9.27 -14.16 -5.02
N MET C 193 8.39 -13.50 -5.76
CA MET C 193 7.27 -12.77 -5.17
C MET C 193 6.00 -13.04 -5.98
N ASN C 194 5.32 -14.12 -5.62
CA ASN C 194 4.15 -14.57 -6.36
C ASN C 194 3.26 -15.36 -5.42
N ALA C 195 1.98 -15.45 -5.76
CA ALA C 195 1.09 -16.33 -5.03
C ALA C 195 1.26 -17.81 -5.39
N ALA C 196 1.67 -18.10 -6.58
CA ALA C 196 2.03 -19.46 -6.96
C ALA C 196 3.52 -19.69 -6.78
N PRO C 197 3.94 -20.96 -6.63
CA PRO C 197 5.37 -21.25 -6.60
C PRO C 197 6.10 -21.04 -7.93
N MET C 198 5.44 -21.16 -9.08
CA MET C 198 6.03 -20.87 -10.38
C MET C 198 4.99 -20.14 -11.22
N ASP C 199 5.40 -19.57 -12.34
CA ASP C 199 4.45 -18.89 -13.20
C ASP C 199 4.83 -18.99 -14.67
N PHE C 200 3.85 -18.74 -15.51
CA PHE C 200 4.06 -18.57 -16.95
C PHE C 200 4.69 -17.20 -17.20
N PRO C 201 5.93 -17.14 -17.71
CA PRO C 201 6.64 -15.85 -17.79
C PRO C 201 6.06 -14.85 -18.78
N LEU C 202 5.21 -15.25 -19.73
CA LEU C 202 4.77 -14.33 -20.77
C LEU C 202 3.47 -13.60 -20.46
N ARG C 203 2.77 -13.93 -19.40
CA ARG C 203 1.49 -13.32 -19.13
C ARG C 203 1.38 -12.68 -17.75
N HIS C 204 2.40 -12.77 -16.91
CA HIS C 204 2.35 -12.15 -15.60
C HIS C 204 3.71 -11.58 -15.24
N ASN C 205 3.73 -10.36 -14.71
CA ASN C 205 4.95 -9.75 -14.18
C ASN C 205 4.89 -9.66 -12.66
N GLN C 206 5.89 -10.24 -12.00
CA GLN C 206 5.96 -10.19 -10.54
C GLN C 206 6.35 -8.81 -10.03
N TRP C 207 7.34 -8.20 -10.65
CA TRP C 207 7.95 -6.97 -10.17
C TRP C 207 7.97 -5.93 -11.28
N THR C 208 7.80 -4.67 -10.89
CA THR C 208 8.10 -3.52 -11.75
C THR C 208 9.19 -2.69 -11.09
N LEU C 209 10.31 -2.50 -11.80
CA LEU C 209 11.28 -1.47 -11.43
C LEU C 209 10.75 -0.10 -11.84
N ALA C 210 10.70 0.82 -10.89
CA ALA C 210 10.33 2.22 -11.15
C ALA C 210 11.46 3.13 -10.72
N ILE C 211 11.82 4.07 -11.59
CA ILE C 211 12.83 5.09 -11.33
C ILE C 211 12.14 6.44 -11.56
N ILE C 212 11.94 7.19 -10.49
CA ILE C 212 11.17 8.43 -10.55
C ILE C 212 11.99 9.60 -10.00
N PRO C 213 12.20 10.65 -10.79
CA PRO C 213 12.94 11.87 -10.38
C PRO C 213 12.14 12.86 -9.53
N VAL C 214 12.02 12.53 -8.24
CA VAL C 214 11.31 13.36 -7.28
C VAL C 214 11.95 14.74 -7.13
N VAL C 215 13.28 14.81 -7.18
CA VAL C 215 13.97 16.09 -7.34
C VAL C 215 14.58 16.14 -8.74
N PRO C 216 14.26 17.15 -9.53
CA PRO C 216 14.77 17.20 -10.90
C PRO C 216 16.26 17.45 -10.99
N LEU C 217 16.86 16.92 -12.05
CA LEU C 217 18.25 17.20 -12.36
C LEU C 217 18.48 18.69 -12.60
N GLY C 218 19.49 19.26 -11.95
CA GLY C 218 19.83 20.66 -12.15
C GLY C 218 21.30 20.92 -11.91
N THR C 219 21.83 21.92 -12.61
CA THR C 219 23.20 22.40 -12.42
C THR C 219 23.33 23.74 -13.10
N ARG C 220 24.42 24.45 -12.81
CA ARG C 220 24.85 25.58 -13.63
C ARG C 220 26.19 25.38 -14.32
N THR C 221 26.80 24.19 -14.26
CA THR C 221 27.90 23.86 -15.16
C THR C 221 27.40 23.74 -16.60
N THR C 222 28.34 23.55 -17.51
CA THR C 222 27.99 23.10 -18.85
C THR C 222 27.23 21.78 -18.79
N SER C 223 26.16 21.70 -19.57
CA SER C 223 25.35 20.48 -19.63
C SER C 223 26.07 19.32 -20.28
N SER C 224 25.87 18.13 -19.71
CA SER C 224 26.20 16.87 -20.33
C SER C 224 24.95 16.01 -20.34
N MET C 225 24.91 15.05 -21.24
CA MET C 225 23.95 13.96 -21.13
C MET C 225 24.17 13.21 -19.82
N VAL C 226 23.13 13.15 -18.99
CA VAL C 226 23.14 12.35 -17.76
C VAL C 226 22.27 11.12 -17.94
N PRO C 227 22.85 9.99 -18.34
CA PRO C 227 22.08 8.75 -18.48
C PRO C 227 21.82 8.02 -17.17
N ILE C 228 20.72 7.28 -17.16
CA ILE C 228 20.42 6.27 -16.16
C ILE C 228 20.51 4.90 -16.82
N THR C 229 21.30 4.00 -16.24
CA THR C 229 21.51 2.66 -16.75
C THR C 229 21.03 1.61 -15.74
N VAL C 230 20.30 0.61 -16.24
CA VAL C 230 19.77 -0.50 -15.44
C VAL C 230 20.49 -1.80 -15.81
N SER C 231 21.03 -2.47 -14.80
CA SER C 231 21.56 -3.83 -14.93
C SER C 231 20.78 -4.76 -14.01
N ILE C 232 20.30 -5.88 -14.56
CA ILE C 232 19.49 -6.83 -13.81
C ILE C 232 20.08 -8.22 -13.95
N ALA C 233 20.32 -8.87 -12.82
CA ALA C 233 20.69 -10.29 -12.81
C ALA C 233 19.54 -11.14 -12.26
N PRO C 234 18.93 -12.00 -13.08
CA PRO C 234 18.11 -13.09 -12.53
C PRO C 234 18.89 -13.95 -11.54
N MET C 235 18.20 -14.43 -10.51
CA MET C 235 18.85 -15.21 -9.46
C MET C 235 18.06 -16.48 -9.14
N CYS C 236 18.78 -17.60 -9.05
CA CYS C 236 18.20 -18.94 -8.83
C CYS C 236 17.10 -19.29 -9.83
N CYS C 237 17.38 -19.12 -11.12
CA CYS C 237 16.40 -19.41 -12.16
C CYS C 237 16.08 -20.91 -12.24
N GLU C 238 14.81 -21.23 -12.31
CA GLU C 238 14.34 -22.58 -12.61
C GLU C 238 13.31 -22.50 -13.72
N PHE C 239 13.29 -23.51 -14.58
CA PHE C 239 12.31 -23.64 -15.66
C PHE C 239 11.73 -25.05 -15.72
N ASN C 240 10.42 -25.13 -15.93
CA ASN C 240 9.67 -26.37 -15.99
C ASN C 240 8.73 -26.34 -17.20
N GLY C 241 8.37 -27.53 -17.67
CA GLY C 241 7.51 -27.71 -18.83
C GLY C 241 8.14 -27.38 -20.16
N LEU C 242 9.18 -28.11 -20.50
CA LEU C 242 9.87 -27.97 -21.78
C LEU C 242 8.99 -28.36 -22.97
N ARG C 243 9.02 -27.52 -24.00
CA ARG C 243 8.27 -27.70 -25.25
C ARG C 243 9.05 -26.95 -26.33
N HIS C 244 8.45 -26.79 -27.50
CA HIS C 244 8.98 -25.89 -28.52
C HIS C 244 8.92 -24.43 -28.05
N ALA C 245 9.78 -23.60 -28.63
CA ALA C 245 9.84 -22.18 -28.29
C ALA C 245 8.60 -21.44 -28.76
N ILE C 246 7.99 -20.65 -27.87
CA ILE C 246 6.95 -19.71 -28.30
C ILE C 246 7.55 -18.60 -29.12
N THR C 247 8.55 -17.92 -28.57
CA THR C 247 9.49 -17.07 -29.33
C THR C 247 8.83 -16.09 -30.32
N ILE D 30 -17.20 -21.21 21.13
CA ILE D 30 -18.16 -22.27 20.82
C ILE D 30 -18.13 -22.56 19.32
N ASN D 31 -17.68 -23.76 18.96
CA ASN D 31 -17.63 -24.20 17.57
C ASN D 31 -17.95 -25.70 17.53
N PHE D 32 -19.18 -26.02 17.14
CA PHE D 32 -19.60 -27.39 16.95
C PHE D 32 -19.56 -27.84 15.49
N TYR D 33 -19.12 -27.00 14.58
CA TYR D 33 -18.96 -27.39 13.18
C TYR D 33 -17.74 -28.28 12.97
N LYS D 34 -17.84 -29.18 11.99
CA LYS D 34 -16.76 -30.14 11.70
C LYS D 34 -15.57 -29.50 10.99
N ASP D 35 -15.79 -28.58 10.06
CA ASP D 35 -14.70 -27.92 9.37
C ASP D 35 -14.11 -26.78 10.21
N SER D 36 -12.78 -26.75 10.31
CA SER D 36 -12.11 -25.78 11.16
C SER D 36 -12.19 -24.35 10.62
N TYR D 37 -12.35 -24.17 9.30
CA TYR D 37 -12.51 -22.82 8.75
C TYR D 37 -13.81 -22.15 9.18
N ALA D 38 -14.76 -22.90 9.70
CA ALA D 38 -15.99 -22.32 10.26
C ALA D 38 -15.76 -21.51 11.54
N ALA D 39 -14.67 -21.74 12.26
CA ALA D 39 -14.44 -21.11 13.56
C ALA D 39 -14.48 -19.59 13.49
N SER D 40 -14.74 -18.98 14.65
CA SER D 40 -14.62 -17.54 14.86
C SER D 40 -13.19 -17.03 14.64
N ALA D 41 -13.08 -15.72 14.51
CA ALA D 41 -11.82 -15.04 14.17
C ALA D 41 -10.71 -15.28 15.18
N SER D 42 -9.47 -15.23 14.69
CA SER D 42 -8.24 -15.46 15.43
C SER D 42 -7.49 -14.15 15.69
N LYS D 43 -7.86 -13.46 16.78
CA LYS D 43 -7.28 -12.17 17.14
C LYS D 43 -6.10 -12.27 18.11
N GLN D 44 -5.28 -13.32 18.07
CA GLN D 44 -4.28 -13.57 19.10
C GLN D 44 -2.82 -13.51 18.64
N ASP D 45 -2.53 -13.28 17.37
CA ASP D 45 -1.15 -13.29 16.86
C ASP D 45 -0.45 -11.93 16.99
N PHE D 46 0.22 -11.72 18.12
CA PHE D 46 0.98 -10.50 18.40
C PHE D 46 2.43 -10.47 17.90
N SER D 47 2.87 -11.42 17.07
CA SER D 47 4.21 -11.34 16.50
C SER D 47 4.31 -10.20 15.48
N GLN D 48 5.38 -9.42 15.56
CA GLN D 48 5.68 -8.37 14.61
C GLN D 48 7.13 -8.48 14.17
N ASP D 49 7.41 -8.01 12.97
CA ASP D 49 8.78 -7.76 12.53
C ASP D 49 8.81 -6.58 11.57
N PRO D 50 8.66 -5.35 12.11
CA PRO D 50 8.62 -4.16 11.24
C PRO D 50 9.92 -3.91 10.49
N SER D 51 11.06 -4.40 10.98
CA SER D 51 12.34 -4.23 10.30
C SER D 51 12.33 -4.77 8.87
N LYS D 52 11.45 -5.72 8.53
CA LYS D 52 11.39 -6.13 7.13
C LYS D 52 10.87 -5.02 6.21
N PHE D 53 10.21 -3.99 6.75
CA PHE D 53 9.81 -2.80 6.01
C PHE D 53 10.60 -1.57 6.39
N THR D 54 10.99 -1.40 7.65
CA THR D 54 11.70 -0.18 8.06
C THR D 54 13.20 -0.25 7.83
N GLU D 55 13.82 -1.43 7.88
CA GLU D 55 15.27 -1.54 7.77
C GLU D 55 15.67 -2.74 6.90
N PRO D 56 15.20 -2.80 5.65
CA PRO D 56 15.57 -3.92 4.78
C PRO D 56 16.98 -3.84 4.19
N VAL D 57 17.91 -3.25 4.91
CA VAL D 57 19.29 -3.12 4.48
C VAL D 57 20.08 -4.35 4.88
N VAL D 58 21.05 -4.70 4.04
CA VAL D 58 21.88 -5.88 4.25
C VAL D 58 22.80 -5.72 5.47
N GLU D 59 23.34 -4.52 5.68
CA GLU D 59 24.11 -4.25 6.89
C GLU D 59 23.28 -3.42 7.86
N GLY D 60 23.09 -3.96 9.06
CA GLY D 60 22.29 -3.25 10.05
C GLY D 60 22.96 -1.96 10.48
N LEU D 61 22.13 -0.94 10.71
CA LEU D 61 22.63 0.41 10.97
C LEU D 61 23.00 0.59 12.44
N LYS D 62 23.95 1.47 12.69
CA LYS D 62 24.36 1.78 14.04
C LYS D 62 23.37 2.73 14.71
N ALA D 63 23.12 2.49 15.99
CA ALA D 63 22.60 3.52 16.86
C ALA D 63 23.74 4.31 17.46
N ALA D 65 28.41 5.85 15.39
CA ALA D 65 29.00 6.34 14.15
C ALA D 65 27.95 6.78 13.13
N PRO D 66 28.33 7.70 12.25
CA PRO D 66 27.46 8.04 11.12
C PRO D 66 27.08 6.83 10.27
N VAL D 67 25.86 6.88 9.74
CA VAL D 67 25.25 5.70 9.12
C VAL D 67 25.83 5.41 7.74
N LEU D 68 26.36 6.41 7.04
CA LEU D 68 27.21 6.12 5.88
C LEU D 68 28.67 6.49 6.13
#